data_5M95
#
_entry.id   5M95
#
_cell.length_a   114.170
_cell.length_b   114.170
_cell.length_c   257.530
_cell.angle_alpha   90.00
_cell.angle_beta   90.00
_cell.angle_gamma   120.00
#
_symmetry.space_group_name_H-M   'P 31 2 1'
#
loop_
_entity.id
_entity.type
_entity.pdbx_description
1 polymer 'Divalent metal cation transporter MntH'
2 polymer 'CAMELID ANTIBODY FRAGMENT, NANOBODY'
3 non-polymer 'MANGANESE (II) ION'
#
loop_
_entity_poly.entity_id
_entity_poly.type
_entity_poly.pdbx_seq_one_letter_code
_entity_poly.pdbx_strand_id
1 'polypeptide(L)'
;MSVAVGYMDPGNWITSMQGGAQYGYTLLFVILISSLAAMLLQSMTVRLGIATGKDLAQMTRHFLSKPVAIIFWIIAELAI
IATDIAEVIGSAIALDLIFGIPLIVGALITVFDVFLLLFIMRFGFRKIEAIVGTLIFTVLAIFVFEVFISSPQLTDILNG
FVPHKEIVTNQGILYIALGIIGATIMPHNLYLHSSIVQSRKYDRHDNEEKAQAIKYATIDSNLQLSIAFVVNCLLLTLGA
ALFFGTKTNDLGGFYDLYHALKTEPVLGATLGGVMSTLFAVALLASGQNSTITGTLAGQIVMEGFLRLSIPNWLRRLITR
SLAVIPVIICLIIFKGNSEKIEQLLVFSQVFLSIALPFSLIPLQLATSNKKLMGPFINKTWVNIISWTLIVILSGLNVYL
IIQTFQELALEVLFQ
;
A,C
2 'polypeptide(L)'
;GPSQVQLQESGGGLVQAGGSLRLSCAASRSIFSIDTANWYRQPPGMQRELVATITRDGNANYADSVKGRFTISRDRARNT
VYLQMNSLKPEDTGVYYCNAAIRTTVRTSAQEYWGQGTQVTVSS
;
B,D
#
# COMPACT_ATOMS: atom_id res chain seq x y z
N VAL A 5 -12.37 22.94 4.99
CA VAL A 5 -11.09 23.54 4.61
C VAL A 5 -10.75 24.67 5.58
N GLY A 6 -10.48 24.29 6.83
CA GLY A 6 -10.18 25.24 7.88
C GLY A 6 -10.52 24.67 9.24
N TYR A 7 -11.51 23.79 9.26
CA TYR A 7 -11.91 23.09 10.48
C TYR A 7 -11.95 21.59 10.23
N MET A 8 -12.01 21.20 8.95
CA MET A 8 -11.86 19.80 8.58
C MET A 8 -10.43 19.54 8.14
N ASP A 9 -9.49 20.23 8.78
CA ASP A 9 -8.08 20.08 8.47
C ASP A 9 -7.33 19.54 9.68
N PRO A 10 -6.75 18.33 9.55
CA PRO A 10 -6.01 17.68 10.64
C PRO A 10 -4.79 18.50 11.08
N GLY A 11 -4.27 19.33 10.18
CA GLY A 11 -3.17 20.21 10.52
C GLY A 11 -3.57 21.26 11.52
N ASN A 12 -4.81 21.74 11.43
CA ASN A 12 -5.35 22.71 12.36
C ASN A 12 -5.59 22.10 13.74
N TRP A 13 -6.12 20.89 13.75
CA TRP A 13 -6.47 20.21 15.00
C TRP A 13 -5.26 19.91 15.87
N ILE A 14 -4.26 19.24 15.27
CA ILE A 14 -3.11 18.75 16.00
C ILE A 14 -2.23 19.88 16.55
N THR A 15 -2.26 21.03 15.89
CA THR A 15 -1.43 22.16 16.32
C THR A 15 -2.10 22.95 17.43
N SER A 16 -3.41 23.15 17.30
CA SER A 16 -4.18 23.89 18.29
C SER A 16 -4.32 23.10 19.58
N MET A 17 -4.59 21.80 19.45
CA MET A 17 -4.83 20.94 20.60
C MET A 17 -3.56 20.68 21.40
N GLN A 18 -2.43 20.51 20.72
CA GLN A 18 -1.16 20.32 21.41
C GLN A 18 -0.60 21.67 21.86
N GLY A 19 -1.13 22.74 21.30
CA GLY A 19 -0.73 24.08 21.68
C GLY A 19 -1.35 24.46 23.01
N GLY A 20 -2.44 23.78 23.36
CA GLY A 20 -3.11 24.01 24.63
C GLY A 20 -2.76 22.97 25.66
N ALA A 21 -2.60 21.73 25.20
CA ALA A 21 -2.28 20.61 26.08
C ALA A 21 -0.88 20.72 26.67
N GLN A 22 -0.05 21.55 26.06
CA GLN A 22 1.34 21.68 26.50
C GLN A 22 1.65 23.05 27.09
N TYR A 23 0.98 24.08 26.59
CA TYR A 23 1.30 25.45 26.97
C TYR A 23 0.09 26.28 27.36
N GLY A 24 -1.02 25.61 27.66
CA GLY A 24 -2.22 26.26 28.13
C GLY A 24 -2.85 27.22 27.14
N TYR A 25 -3.34 28.34 27.64
CA TYR A 25 -4.06 29.31 26.81
C TYR A 25 -3.12 30.33 26.18
N THR A 26 -1.82 30.08 26.26
CA THR A 26 -0.80 31.02 25.78
C THR A 26 -0.89 31.28 24.28
N LEU A 27 -1.04 30.22 23.51
CA LEU A 27 -1.01 30.32 22.05
C LEU A 27 -2.34 30.77 21.45
N LEU A 28 -3.25 31.25 22.29
CA LEU A 28 -4.53 31.75 21.80
C LEU A 28 -4.37 33.07 21.06
N PHE A 29 -3.33 33.81 21.40
CA PHE A 29 -3.01 35.04 20.69
C PHE A 29 -2.55 34.71 19.27
N VAL A 30 -1.69 33.71 19.17
CA VAL A 30 -1.15 33.28 17.88
C VAL A 30 -2.27 32.83 16.95
N ILE A 31 -3.29 32.19 17.51
CA ILE A 31 -4.47 31.81 16.74
C ILE A 31 -5.19 33.03 16.21
N LEU A 32 -5.35 34.04 17.08
CA LEU A 32 -6.07 35.26 16.72
C LEU A 32 -5.31 36.09 15.68
N ILE A 33 -4.02 36.33 15.94
CA ILE A 33 -3.23 37.19 15.07
C ILE A 33 -3.00 36.55 13.69
N SER A 34 -3.01 35.22 13.63
CA SER A 34 -2.81 34.52 12.36
C SER A 34 -4.13 34.44 11.59
N SER A 35 -5.23 34.32 12.33
CA SER A 35 -6.55 34.28 11.71
C SER A 35 -6.89 35.65 11.14
N LEU A 36 -6.40 36.69 11.82
CA LEU A 36 -6.58 38.05 11.35
C LEU A 36 -5.67 38.31 10.16
N ALA A 37 -4.46 37.76 10.23
CA ALA A 37 -3.51 37.87 9.13
C ALA A 37 -4.03 37.13 7.90
N ALA A 38 -4.70 36.01 8.13
CA ALA A 38 -5.27 35.23 7.05
C ALA A 38 -6.38 36.00 6.32
N MET A 39 -7.23 36.67 7.10
CA MET A 39 -8.34 37.44 6.54
C MET A 39 -7.81 38.51 5.60
N LEU A 40 -6.76 39.19 6.02
CA LEU A 40 -6.19 40.29 5.27
C LEU A 40 -5.44 39.81 4.03
N LEU A 41 -4.66 38.73 4.19
CA LEU A 41 -3.87 38.21 3.09
C LEU A 41 -4.73 37.56 2.00
N GLN A 42 -5.85 36.97 2.40
CA GLN A 42 -6.76 36.35 1.45
C GLN A 42 -7.50 37.41 0.65
N SER A 43 -7.76 38.56 1.27
CA SER A 43 -8.43 39.66 0.61
C SER A 43 -7.56 40.29 -0.46
N MET A 44 -6.24 40.19 -0.28
CA MET A 44 -5.29 40.72 -1.25
C MET A 44 -5.28 39.84 -2.50
N THR A 45 -5.34 38.52 -2.29
CA THR A 45 -5.38 37.57 -3.40
C THR A 45 -6.68 37.70 -4.17
N VAL A 46 -7.78 37.90 -3.45
CA VAL A 46 -9.09 38.12 -4.05
C VAL A 46 -9.05 39.33 -4.99
N ARG A 47 -8.48 40.42 -4.50
CA ARG A 47 -8.31 41.62 -5.32
C ARG A 47 -7.37 41.35 -6.49
N LEU A 48 -6.24 40.70 -6.21
CA LEU A 48 -5.26 40.36 -7.23
C LEU A 48 -5.88 39.58 -8.39
N GLY A 49 -6.75 38.62 -8.07
CA GLY A 49 -7.38 37.79 -9.06
C GLY A 49 -8.43 38.52 -9.89
N ILE A 50 -9.25 39.32 -9.22
CA ILE A 50 -10.35 40.00 -9.90
C ILE A 50 -9.89 41.25 -10.65
N ALA A 51 -8.93 41.98 -10.06
CA ALA A 51 -8.39 43.17 -10.72
C ALA A 51 -7.54 42.79 -11.93
N THR A 52 -6.36 42.24 -11.67
CA THR A 52 -5.48 41.78 -12.74
C THR A 52 -6.05 40.56 -13.45
N GLY A 53 -5.54 40.29 -14.65
CA GLY A 53 -6.03 39.21 -15.49
C GLY A 53 -6.17 37.85 -14.84
N LYS A 54 -5.10 37.36 -14.24
CA LYS A 54 -5.11 36.01 -13.68
C LYS A 54 -4.48 35.89 -12.29
N ASP A 55 -4.17 34.66 -11.89
CA ASP A 55 -3.85 34.35 -10.50
C ASP A 55 -2.42 34.66 -10.09
N LEU A 56 -2.06 34.21 -8.89
CA LEU A 56 -0.76 34.52 -8.29
C LEU A 56 0.39 33.71 -8.92
N ALA A 57 0.12 32.46 -9.26
CA ALA A 57 1.15 31.58 -9.81
C ALA A 57 1.75 32.12 -11.12
N GLN A 58 0.89 32.51 -12.05
CA GLN A 58 1.37 33.09 -13.32
C GLN A 58 1.89 34.50 -13.13
N MET A 59 1.33 35.22 -12.15
CA MET A 59 1.76 36.58 -11.85
C MET A 59 3.21 36.56 -11.36
N THR A 60 3.52 35.58 -10.51
CA THR A 60 4.86 35.40 -10.00
C THR A 60 5.80 35.00 -11.14
N ARG A 61 5.29 34.22 -12.08
CA ARG A 61 6.06 33.77 -13.23
C ARG A 61 6.43 34.92 -14.16
N HIS A 62 5.55 35.91 -14.26
CA HIS A 62 5.75 37.04 -15.16
C HIS A 62 6.88 37.96 -14.73
N PHE A 63 7.28 37.85 -13.47
CA PHE A 63 8.33 38.72 -12.93
C PHE A 63 9.66 37.98 -12.80
N LEU A 64 9.59 36.66 -12.73
CA LEU A 64 10.78 35.84 -12.51
C LEU A 64 11.26 35.20 -13.82
N SER A 65 12.57 34.93 -13.88
CA SER A 65 13.12 34.13 -14.96
C SER A 65 12.85 32.66 -14.64
N LYS A 66 12.85 31.80 -15.66
CA LYS A 66 12.54 30.39 -15.47
C LYS A 66 13.34 29.67 -14.37
N PRO A 67 14.65 29.96 -14.23
CA PRO A 67 15.37 29.29 -13.13
C PRO A 67 14.80 29.60 -11.74
N VAL A 68 14.62 30.87 -11.43
CA VAL A 68 14.10 31.24 -10.11
C VAL A 68 12.59 31.02 -10.05
N ALA A 69 11.97 30.83 -11.21
CA ALA A 69 10.54 30.55 -11.28
C ALA A 69 10.28 29.10 -10.91
N ILE A 70 11.28 28.25 -11.15
CA ILE A 70 11.16 26.83 -10.80
C ILE A 70 11.44 26.65 -9.32
N ILE A 71 12.39 27.42 -8.80
CA ILE A 71 12.69 27.40 -7.38
C ILE A 71 11.47 27.81 -6.57
N PHE A 72 10.77 28.83 -7.03
CA PHE A 72 9.50 29.24 -6.42
C PHE A 72 8.45 28.14 -6.58
N TRP A 73 8.46 27.46 -7.71
CA TRP A 73 7.51 26.38 -7.96
C TRP A 73 7.80 25.20 -7.04
N ILE A 74 9.09 24.91 -6.83
CA ILE A 74 9.50 23.83 -5.94
C ILE A 74 8.99 24.08 -4.52
N ILE A 75 9.29 25.27 -4.00
CA ILE A 75 8.85 25.66 -2.65
C ILE A 75 7.33 25.59 -2.53
N ALA A 76 6.63 26.02 -3.57
CA ALA A 76 5.17 25.98 -3.58
C ALA A 76 4.64 24.56 -3.65
N GLU A 77 5.21 23.76 -4.53
CA GLU A 77 4.77 22.38 -4.72
C GLU A 77 5.02 21.54 -3.47
N LEU A 78 6.10 21.84 -2.76
CA LEU A 78 6.43 21.16 -1.52
C LEU A 78 5.40 21.48 -0.43
N ALA A 79 4.90 22.72 -0.45
CA ALA A 79 3.87 23.14 0.49
C ALA A 79 2.57 22.39 0.26
N ILE A 80 2.32 22.02 -1.00
CA ILE A 80 1.14 21.25 -1.36
C ILE A 80 1.29 19.80 -0.90
N ILE A 81 2.49 19.26 -1.05
CA ILE A 81 2.80 17.92 -0.58
C ILE A 81 2.73 17.85 0.95
N ALA A 82 3.24 18.89 1.60
CA ALA A 82 3.23 18.96 3.06
C ALA A 82 1.82 18.89 3.63
N THR A 83 0.88 19.52 2.94
CA THR A 83 -0.52 19.47 3.33
C THR A 83 -1.09 18.08 3.10
N ASP A 84 -0.65 17.44 2.02
CA ASP A 84 -1.11 16.09 1.69
C ASP A 84 -0.60 15.10 2.71
N ILE A 85 0.62 15.32 3.19
CA ILE A 85 1.21 14.50 4.25
C ILE A 85 0.32 14.54 5.49
N ALA A 86 -0.20 15.73 5.77
CA ALA A 86 -1.09 15.93 6.92
C ALA A 86 -2.33 15.06 6.82
N GLU A 87 -2.85 14.91 5.60
CA GLU A 87 -4.03 14.09 5.36
C GLU A 87 -3.70 12.61 5.44
N VAL A 88 -2.55 12.22 4.88
CA VAL A 88 -2.10 10.84 4.90
C VAL A 88 -1.98 10.34 6.34
N ILE A 89 -1.34 11.14 7.18
CA ILE A 89 -1.21 10.80 8.60
C ILE A 89 -2.58 10.78 9.27
N GLY A 90 -3.41 11.76 8.95
CA GLY A 90 -4.74 11.86 9.52
C GLY A 90 -5.62 10.66 9.18
N SER A 91 -5.54 10.20 7.94
CA SER A 91 -6.33 9.05 7.50
C SER A 91 -5.77 7.75 8.07
N ALA A 92 -4.44 7.66 8.14
CA ALA A 92 -3.79 6.47 8.68
C ALA A 92 -4.15 6.26 10.14
N ILE A 93 -4.12 7.34 10.91
CA ILE A 93 -4.49 7.30 12.31
C ILE A 93 -5.95 6.90 12.47
N ALA A 94 -6.80 7.46 11.62
CA ALA A 94 -8.23 7.17 11.63
C ALA A 94 -8.49 5.69 11.37
N LEU A 95 -7.79 5.12 10.38
CA LEU A 95 -7.94 3.71 10.05
C LEU A 95 -7.40 2.81 11.16
N ASP A 96 -6.47 3.35 11.95
CA ASP A 96 -5.89 2.60 13.05
C ASP A 96 -6.84 2.54 14.24
N LEU A 97 -7.56 3.63 14.47
CA LEU A 97 -8.50 3.72 15.58
C LEU A 97 -9.79 2.94 15.29
N ILE A 98 -10.26 3.03 14.05
CA ILE A 98 -11.54 2.42 13.68
C ILE A 98 -11.42 0.93 13.35
N PHE A 99 -10.50 0.60 12.44
CA PHE A 99 -10.42 -0.76 11.91
C PHE A 99 -9.23 -1.53 12.47
N GLY A 100 -8.32 -0.84 13.14
CA GLY A 100 -7.16 -1.49 13.72
C GLY A 100 -6.08 -1.77 12.69
N ILE A 101 -6.15 -1.07 11.56
CA ILE A 101 -5.14 -1.19 10.52
C ILE A 101 -3.91 -0.36 10.87
N PRO A 102 -2.74 -1.01 11.00
CA PRO A 102 -1.48 -0.35 11.36
C PRO A 102 -1.13 0.83 10.44
N LEU A 103 -0.48 1.83 11.01
CA LEU A 103 -0.15 3.07 10.29
C LEU A 103 0.64 2.81 9.01
N ILE A 104 1.55 1.85 9.06
CA ILE A 104 2.40 1.53 7.91
C ILE A 104 1.57 0.98 6.75
N VAL A 105 0.48 0.29 7.07
CA VAL A 105 -0.40 -0.26 6.05
C VAL A 105 -1.43 0.78 5.63
N GLY A 106 -1.93 1.55 6.60
CA GLY A 106 -2.91 2.59 6.33
C GLY A 106 -2.40 3.64 5.37
N ALA A 107 -1.12 4.00 5.50
CA ALA A 107 -0.50 4.98 4.62
C ALA A 107 -0.45 4.47 3.20
N LEU A 108 -0.32 3.16 3.04
CA LEU A 108 -0.30 2.52 1.72
C LEU A 108 -1.69 2.56 1.09
N ILE A 109 -2.72 2.49 1.93
CA ILE A 109 -4.10 2.51 1.47
C ILE A 109 -4.47 3.90 0.92
N THR A 110 -3.80 4.93 1.44
CA THR A 110 -4.11 6.31 1.09
C THR A 110 -3.79 6.65 -0.37
N VAL A 111 -3.02 5.80 -1.04
CA VAL A 111 -2.79 5.98 -2.47
C VAL A 111 -4.09 5.72 -3.22
N PHE A 112 -4.85 4.75 -2.75
CA PHE A 112 -6.09 4.33 -3.39
C PHE A 112 -7.34 4.83 -2.68
N ASP A 113 -7.18 5.80 -1.78
CA ASP A 113 -8.34 6.44 -1.18
C ASP A 113 -8.98 7.31 -2.26
N VAL A 114 -8.12 7.74 -3.19
CA VAL A 114 -8.54 8.38 -4.42
C VAL A 114 -9.61 7.53 -5.11
N PHE A 115 -9.36 6.22 -5.13
CA PHE A 115 -10.28 5.26 -5.74
C PHE A 115 -11.53 5.08 -4.89
N LEU A 116 -11.37 5.30 -3.58
CA LEU A 116 -12.48 5.15 -2.64
C LEU A 116 -13.48 6.30 -2.77
N LEU A 117 -12.98 7.47 -3.18
CA LEU A 117 -13.82 8.65 -3.32
C LEU A 117 -14.75 8.54 -4.52
N LEU A 118 -14.42 7.64 -5.44
CA LEU A 118 -15.29 7.35 -6.57
C LEU A 118 -16.36 6.35 -6.18
N PHE A 119 -16.10 5.60 -5.10
CA PHE A 119 -17.10 4.70 -4.54
C PHE A 119 -18.12 5.53 -3.77
N ILE A 120 -17.67 6.65 -3.22
CA ILE A 120 -18.56 7.59 -2.53
C ILE A 120 -19.30 8.43 -3.58
N MET A 121 -18.67 8.58 -4.74
CA MET A 121 -19.20 9.40 -5.83
C MET A 121 -20.60 8.97 -6.25
N ARG A 122 -20.78 7.67 -6.47
CA ARG A 122 -22.10 7.15 -6.85
C ARG A 122 -22.88 6.70 -5.62
N PHE A 123 -23.20 7.67 -4.77
CA PHE A 123 -24.09 7.47 -3.63
C PHE A 123 -24.68 8.82 -3.23
N GLY A 124 -24.51 9.82 -4.09
CA GLY A 124 -24.97 11.16 -3.81
C GLY A 124 -23.84 12.05 -3.32
N PHE A 125 -23.56 13.11 -4.07
CA PHE A 125 -22.51 14.04 -3.68
C PHE A 125 -22.99 14.98 -2.58
N ARG A 126 -24.32 15.06 -2.43
CA ARG A 126 -24.93 15.86 -1.37
C ARG A 126 -25.33 14.97 -0.20
N LYS A 127 -25.77 13.76 -0.52
CA LYS A 127 -26.20 12.77 0.47
C LYS A 127 -25.15 12.52 1.55
N ILE A 128 -23.89 12.37 1.15
CA ILE A 128 -22.83 12.01 2.07
C ILE A 128 -22.36 13.17 2.96
N GLU A 129 -22.31 14.38 2.41
CA GLU A 129 -21.82 15.54 3.17
C GLU A 129 -22.81 15.92 4.28
N ALA A 130 -24.08 15.57 4.10
CA ALA A 130 -25.08 15.81 5.14
C ALA A 130 -24.79 14.92 6.35
N ILE A 131 -24.33 13.71 6.08
CA ILE A 131 -23.91 12.79 7.14
C ILE A 131 -22.65 13.31 7.79
N VAL A 132 -21.69 13.73 6.97
CA VAL A 132 -20.44 14.30 7.45
C VAL A 132 -20.69 15.58 8.22
N GLY A 133 -21.64 16.38 7.73
CA GLY A 133 -22.01 17.62 8.39
C GLY A 133 -22.52 17.39 9.80
N THR A 134 -23.42 16.42 9.93
CA THR A 134 -23.94 16.03 11.24
C THR A 134 -22.82 15.41 12.08
N LEU A 135 -21.94 14.66 11.40
CA LEU A 135 -20.79 14.06 12.05
C LEU A 135 -19.88 15.10 12.69
N ILE A 136 -19.50 16.10 11.90
CA ILE A 136 -18.67 17.20 12.38
C ILE A 136 -19.34 17.94 13.52
N PHE A 137 -20.62 18.26 13.33
CA PHE A 137 -21.40 18.99 14.33
C PHE A 137 -21.52 18.21 15.65
N THR A 138 -21.76 16.91 15.55
CA THR A 138 -21.87 16.05 16.72
C THR A 138 -20.54 16.01 17.47
N VAL A 139 -19.46 15.80 16.72
CA VAL A 139 -18.12 15.77 17.29
C VAL A 139 -17.77 17.10 17.95
N LEU A 140 -18.12 18.19 17.26
CA LEU A 140 -17.88 19.53 17.81
C LEU A 140 -18.73 19.78 19.04
N ALA A 141 -19.92 19.17 19.07
CA ALA A 141 -20.81 19.28 20.23
C ALA A 141 -20.19 18.57 21.43
N ILE A 142 -19.56 17.43 21.18
CA ILE A 142 -18.84 16.70 22.21
C ILE A 142 -17.70 17.56 22.76
N PHE A 143 -16.94 18.17 21.83
CA PHE A 143 -15.81 19.01 22.18
C PHE A 143 -16.24 20.20 23.04
N VAL A 144 -17.37 20.80 22.68
CA VAL A 144 -17.94 21.90 23.46
C VAL A 144 -18.36 21.38 24.83
N PHE A 145 -19.00 20.22 24.86
CA PHE A 145 -19.43 19.60 26.11
C PHE A 145 -18.22 19.20 26.96
N GLU A 146 -17.13 18.82 26.30
CA GLU A 146 -15.93 18.39 27.01
C GLU A 146 -15.12 19.58 27.53
N VAL A 147 -15.79 20.68 27.81
CA VAL A 147 -15.12 21.87 28.36
C VAL A 147 -15.69 22.21 29.73
N PHE A 148 -15.02 21.74 30.77
CA PHE A 148 -15.39 22.02 32.15
C PHE A 148 -14.24 22.76 32.82
N ILE A 149 -14.39 23.10 34.10
CA ILE A 149 -13.38 23.80 34.91
C ILE A 149 -12.82 25.03 34.17
N SER A 150 -13.71 25.69 33.43
CA SER A 150 -13.33 26.78 32.54
C SER A 150 -13.37 28.15 33.21
N SER A 151 -12.20 28.72 33.46
CA SER A 151 -12.10 30.07 33.99
C SER A 151 -12.38 31.08 32.90
N PRO A 152 -13.46 31.88 33.06
CA PRO A 152 -13.96 32.80 32.04
C PRO A 152 -13.01 33.95 31.68
N GLN A 153 -11.86 34.04 32.36
CA GLN A 153 -10.94 35.14 32.11
C GLN A 153 -9.50 34.68 31.96
N LEU A 154 -9.20 33.47 32.43
CA LEU A 154 -7.87 32.88 32.23
C LEU A 154 -7.65 32.62 30.75
N THR A 155 -8.75 32.41 30.03
CA THR A 155 -8.71 32.38 28.57
C THR A 155 -8.27 33.75 28.08
N ASP A 156 -9.08 34.75 28.39
CA ASP A 156 -8.82 36.13 27.95
C ASP A 156 -7.42 36.60 28.30
N ILE A 157 -6.97 36.31 29.52
CA ILE A 157 -5.71 36.84 30.03
C ILE A 157 -4.51 36.42 29.15
N LEU A 158 -4.74 35.45 28.28
CA LEU A 158 -3.74 35.03 27.31
C LEU A 158 -4.29 35.04 25.89
N ASN A 159 -5.62 34.98 25.75
CA ASN A 159 -6.26 35.09 24.44
C ASN A 159 -6.22 36.53 23.94
N GLY A 160 -5.45 36.78 22.90
CA GLY A 160 -5.31 38.13 22.37
C GLY A 160 -4.41 38.98 23.24
N PHE A 161 -4.67 38.96 24.56
CA PHE A 161 -3.85 39.67 25.51
C PHE A 161 -2.49 38.99 25.55
N VAL A 162 -1.65 39.32 24.57
CA VAL A 162 -0.45 38.55 24.28
C VAL A 162 0.58 38.54 25.41
N PRO A 163 1.08 37.35 25.76
CA PRO A 163 2.22 37.16 26.66
C PRO A 163 3.50 37.04 25.84
N HIS A 164 3.82 38.07 25.06
CA HIS A 164 4.84 37.93 24.04
C HIS A 164 6.24 37.86 24.65
N LYS A 165 6.58 36.68 25.15
CA LYS A 165 7.89 36.41 25.72
C LYS A 165 8.24 34.95 25.50
N GLU A 166 7.39 34.05 26.00
CA GLU A 166 7.64 32.63 25.89
C GLU A 166 7.27 32.19 24.48
N ILE A 167 6.30 32.89 23.88
CA ILE A 167 5.86 32.57 22.53
C ILE A 167 7.04 32.62 21.55
N VAL A 168 8.02 33.48 21.84
CA VAL A 168 9.19 33.62 20.98
C VAL A 168 10.50 33.16 21.65
N THR A 169 10.51 33.01 22.96
CA THR A 169 11.75 32.65 23.66
C THR A 169 12.13 31.20 23.41
N ASN A 170 11.50 30.28 24.14
CA ASN A 170 11.83 28.86 24.01
C ASN A 170 11.28 28.28 22.73
N GLN A 171 11.99 27.29 22.20
CA GLN A 171 11.63 26.68 20.92
C GLN A 171 10.27 25.99 20.98
N GLY A 172 9.95 25.43 22.13
CA GLY A 172 8.73 24.66 22.31
C GLY A 172 7.45 25.38 21.92
N ILE A 173 7.23 26.55 22.53
CA ILE A 173 6.05 27.35 22.21
C ILE A 173 6.17 27.95 20.82
N LEU A 174 7.39 28.37 20.46
CA LEU A 174 7.66 28.96 19.16
C LEU A 174 7.38 27.98 18.02
N TYR A 175 7.73 26.71 18.25
CA TYR A 175 7.54 25.66 17.26
C TYR A 175 6.07 25.47 16.92
N ILE A 176 5.25 25.35 17.96
CA ILE A 176 3.81 25.17 17.78
C ILE A 176 3.20 26.43 17.20
N ALA A 177 3.73 27.59 17.62
CA ALA A 177 3.27 28.88 17.11
C ALA A 177 3.42 28.98 15.60
N LEU A 178 4.55 28.49 15.08
CA LEU A 178 4.78 28.47 13.65
C LEU A 178 3.85 27.49 12.94
N GLY A 179 3.57 26.37 13.59
CA GLY A 179 2.68 25.37 13.04
C GLY A 179 1.24 25.86 12.98
N ILE A 180 0.83 26.59 14.01
CA ILE A 180 -0.52 27.12 14.07
C ILE A 180 -0.79 28.13 12.95
N ILE A 181 0.17 29.03 12.74
CA ILE A 181 0.03 30.06 11.71
C ILE A 181 0.08 29.45 10.31
N GLY A 182 1.02 28.53 10.11
CA GLY A 182 1.17 27.85 8.82
C GLY A 182 -0.04 27.02 8.45
N ALA A 183 -0.80 26.60 9.46
CA ALA A 183 -2.00 25.80 9.24
C ALA A 183 -3.22 26.69 8.99
N THR A 184 -3.17 27.91 9.50
CA THR A 184 -4.26 28.86 9.33
C THR A 184 -4.05 29.73 8.09
N ILE A 185 -2.79 29.99 7.77
CA ILE A 185 -2.44 30.72 6.56
C ILE A 185 -1.72 29.79 5.59
N MET A 186 -2.50 28.92 4.95
CA MET A 186 -1.94 27.91 4.05
C MET A 186 -1.57 28.54 2.71
N PRO A 187 -0.28 28.42 2.33
CA PRO A 187 0.28 29.03 1.13
C PRO A 187 -0.42 28.60 -0.17
N HIS A 188 -1.00 27.42 -0.18
CA HIS A 188 -1.64 26.89 -1.39
C HIS A 188 -3.03 27.49 -1.59
N ASN A 189 -3.57 28.08 -0.54
CA ASN A 189 -4.87 28.75 -0.64
C ASN A 189 -4.74 30.11 -1.30
N LEU A 190 -3.54 30.68 -1.23
CA LEU A 190 -3.27 31.97 -1.87
C LEU A 190 -3.30 31.82 -3.39
N TYR A 191 -2.72 30.74 -3.89
CA TYR A 191 -2.69 30.47 -5.33
C TYR A 191 -4.06 30.00 -5.82
N LEU A 192 -4.80 29.33 -4.94
CA LEU A 192 -6.10 28.76 -5.28
C LEU A 192 -7.15 29.86 -5.34
N HIS A 193 -7.19 30.69 -4.30
CA HIS A 193 -8.21 31.73 -4.18
C HIS A 193 -8.03 32.84 -5.21
N SER A 194 -6.83 32.97 -5.76
CA SER A 194 -6.53 34.01 -6.73
C SER A 194 -6.99 33.65 -8.14
N SER A 195 -7.61 32.48 -8.28
CA SER A 195 -8.06 32.02 -9.59
C SER A 195 -9.53 31.61 -9.55
N ILE A 196 -9.96 31.04 -8.43
CA ILE A 196 -11.33 30.56 -8.28
C ILE A 196 -12.27 31.75 -8.08
N VAL A 197 -11.70 32.88 -7.67
CA VAL A 197 -12.47 34.09 -7.46
C VAL A 197 -12.74 34.81 -8.79
N GLN A 198 -12.09 34.33 -9.85
CA GLN A 198 -12.28 34.87 -11.19
C GLN A 198 -13.40 34.15 -11.93
N SER A 199 -14.10 33.27 -11.23
CA SER A 199 -15.21 32.52 -11.80
C SER A 199 -16.53 33.20 -11.49
N ARG A 200 -16.48 34.24 -10.66
CA ARG A 200 -17.69 34.98 -10.30
C ARG A 200 -18.19 35.82 -11.47
N LYS A 201 -19.37 36.41 -11.30
CA LYS A 201 -20.02 37.14 -12.37
C LYS A 201 -19.57 38.61 -12.40
N TYR A 202 -18.75 38.95 -13.38
CA TYR A 202 -18.39 40.34 -13.63
C TYR A 202 -17.73 40.48 -15.01
N ASP A 203 -17.78 41.70 -15.55
CA ASP A 203 -17.15 41.98 -16.83
C ASP A 203 -15.64 41.95 -16.69
N ARG A 204 -14.98 41.17 -17.54
CA ARG A 204 -13.55 40.95 -17.44
C ARG A 204 -12.73 42.21 -17.74
N HIS A 205 -12.80 42.68 -18.98
CA HIS A 205 -11.92 43.74 -19.46
C HIS A 205 -12.27 45.14 -18.94
N ASP A 206 -13.46 45.62 -19.27
CA ASP A 206 -13.79 47.03 -19.10
C ASP A 206 -14.34 47.45 -17.74
N ASN A 207 -15.22 46.65 -17.14
CA ASN A 207 -15.96 47.15 -15.98
C ASN A 207 -15.20 47.01 -14.66
N GLU A 208 -15.14 48.11 -13.92
CA GLU A 208 -14.54 48.18 -12.60
C GLU A 208 -15.50 47.84 -11.47
N GLU A 209 -16.79 47.73 -11.77
CA GLU A 209 -17.78 47.38 -10.75
C GLU A 209 -17.65 45.91 -10.31
N LYS A 210 -16.52 45.31 -10.66
CA LYS A 210 -16.15 43.99 -10.17
C LYS A 210 -15.63 44.11 -8.74
N ALA A 211 -15.60 45.34 -8.23
CA ALA A 211 -15.32 45.59 -6.83
C ALA A 211 -16.46 45.02 -5.99
N GLN A 212 -17.63 44.91 -6.61
CA GLN A 212 -18.76 44.24 -5.99
C GLN A 212 -18.47 42.75 -5.84
N ALA A 213 -17.79 42.19 -6.84
CA ALA A 213 -17.38 40.79 -6.78
C ALA A 213 -16.35 40.59 -5.69
N ILE A 214 -15.46 41.59 -5.54
CA ILE A 214 -14.47 41.58 -4.46
C ILE A 214 -15.17 41.74 -3.12
N LYS A 215 -16.25 42.52 -3.11
CA LYS A 215 -17.04 42.75 -1.91
C LYS A 215 -17.59 41.43 -1.36
N TYR A 216 -18.31 40.69 -2.20
CA TYR A 216 -18.86 39.40 -1.80
C TYR A 216 -17.75 38.41 -1.42
N ALA A 217 -16.72 38.36 -2.25
CA ALA A 217 -15.65 37.39 -2.07
C ALA A 217 -14.88 37.59 -0.76
N THR A 218 -14.68 38.85 -0.39
CA THR A 218 -13.96 39.18 0.84
C THR A 218 -14.81 38.86 2.06
N ILE A 219 -16.11 39.12 1.96
CA ILE A 219 -17.04 38.83 3.05
C ILE A 219 -17.13 37.32 3.28
N ASP A 220 -17.18 36.56 2.19
CA ASP A 220 -17.17 35.10 2.28
C ASP A 220 -15.84 34.58 2.82
N SER A 221 -14.76 35.29 2.49
CA SER A 221 -13.42 34.90 2.91
C SER A 221 -13.19 35.20 4.40
N ASN A 222 -14.04 36.03 4.97
CA ASN A 222 -13.91 36.40 6.37
C ASN A 222 -14.88 35.62 7.23
N LEU A 223 -15.91 35.07 6.59
CA LEU A 223 -16.93 34.29 7.27
C LEU A 223 -16.37 32.96 7.72
N GLN A 224 -15.90 32.17 6.76
CA GLN A 224 -15.34 30.85 7.04
C GLN A 224 -14.03 30.93 7.83
N LEU A 225 -13.32 32.06 7.68
CA LEU A 225 -12.08 32.28 8.43
C LEU A 225 -12.37 32.59 9.90
N SER A 226 -13.53 33.17 10.16
CA SER A 226 -13.97 33.41 11.54
C SER A 226 -14.34 32.11 12.23
N ILE A 227 -15.01 31.22 11.48
CA ILE A 227 -15.39 29.92 12.00
C ILE A 227 -14.15 29.09 12.32
N ALA A 228 -13.15 29.17 11.46
CA ALA A 228 -11.88 28.49 11.68
C ALA A 228 -11.21 29.00 12.95
N PHE A 229 -11.33 30.29 13.20
CA PHE A 229 -10.80 30.90 14.42
C PHE A 229 -11.50 30.35 15.65
N VAL A 230 -12.83 30.25 15.58
CA VAL A 230 -13.63 29.74 16.69
C VAL A 230 -13.28 28.29 17.01
N VAL A 231 -13.18 27.47 15.97
CA VAL A 231 -12.86 26.05 16.13
C VAL A 231 -11.47 25.86 16.71
N ASN A 232 -10.49 26.61 16.18
CA ASN A 232 -9.13 26.55 16.68
C ASN A 232 -9.03 26.94 18.15
N CYS A 233 -9.83 27.94 18.54
CA CYS A 233 -9.91 28.33 19.94
C CYS A 233 -10.62 27.26 20.75
N LEU A 234 -11.64 26.66 20.16
CA LEU A 234 -12.41 25.60 20.80
C LEU A 234 -11.54 24.36 20.97
N LEU A 235 -10.63 24.12 20.03
CA LEU A 235 -9.77 22.95 20.06
C LEU A 235 -8.58 23.15 20.99
N LEU A 236 -8.07 24.37 21.07
CA LEU A 236 -6.99 24.68 21.99
C LEU A 236 -7.50 24.60 23.42
N THR A 237 -8.75 25.02 23.61
CA THR A 237 -9.41 24.92 24.90
C THR A 237 -9.56 23.46 25.30
N LEU A 238 -9.90 22.62 24.33
CA LEU A 238 -10.09 21.19 24.55
C LEU A 238 -8.81 20.53 25.05
N GLY A 239 -7.71 20.75 24.33
CA GLY A 239 -6.43 20.19 24.71
C GLY A 239 -5.95 20.67 26.06
N ALA A 240 -6.13 21.96 26.33
CA ALA A 240 -5.74 22.55 27.61
C ALA A 240 -6.56 21.98 28.76
N ALA A 241 -7.86 21.78 28.53
CA ALA A 241 -8.76 21.27 29.55
C ALA A 241 -8.40 19.85 29.95
N LEU A 242 -8.14 19.01 28.94
CA LEU A 242 -7.90 17.59 29.18
C LEU A 242 -6.49 17.24 29.63
N PHE A 243 -5.48 17.84 29.00
CA PHE A 243 -4.11 17.33 29.15
C PHE A 243 -3.11 18.31 29.75
N PHE A 244 -3.46 19.59 29.81
CA PHE A 244 -2.53 20.58 30.35
C PHE A 244 -2.56 20.60 31.87
N GLY A 245 -1.38 20.78 32.47
CA GLY A 245 -1.27 20.80 33.92
C GLY A 245 -1.32 19.42 34.53
N THR A 246 -0.80 18.44 33.80
CA THR A 246 -0.81 17.06 34.25
C THR A 246 0.57 16.60 34.69
N LYS A 247 0.62 15.59 35.56
CA LYS A 247 1.86 15.06 36.08
C LYS A 247 2.64 14.28 35.02
N THR A 248 1.93 13.69 34.08
CA THR A 248 2.54 12.86 33.05
C THR A 248 2.91 13.67 31.82
N ASN A 249 2.35 14.88 31.73
CA ASN A 249 2.59 15.77 30.59
C ASN A 249 2.32 15.13 29.24
N ASP A 250 1.06 14.77 29.00
CA ASP A 250 0.66 14.22 27.71
C ASP A 250 0.71 15.31 26.65
N LEU A 251 1.28 14.98 25.50
CA LEU A 251 1.43 15.95 24.41
C LEU A 251 0.07 16.36 23.85
N GLY A 252 -0.89 15.44 23.91
CA GLY A 252 -2.25 15.74 23.49
C GLY A 252 -2.51 15.56 22.02
N GLY A 253 -2.17 14.38 21.49
CA GLY A 253 -2.41 14.08 20.10
C GLY A 253 -3.80 13.53 19.87
N PHE A 254 -4.02 12.94 18.70
CA PHE A 254 -5.31 12.36 18.36
C PHE A 254 -5.61 11.12 19.20
N TYR A 255 -4.56 10.37 19.53
CA TYR A 255 -4.69 9.17 20.35
C TYR A 255 -5.07 9.52 21.78
N ASP A 256 -4.48 10.59 22.29
CA ASP A 256 -4.79 11.07 23.64
C ASP A 256 -6.24 11.51 23.73
N LEU A 257 -6.68 12.26 22.72
CA LEU A 257 -8.05 12.74 22.65
C LEU A 257 -9.02 11.58 22.52
N TYR A 258 -8.58 10.53 21.82
CA TYR A 258 -9.40 9.35 21.61
C TYR A 258 -9.70 8.63 22.93
N HIS A 259 -8.68 8.45 23.75
CA HIS A 259 -8.83 7.75 25.02
C HIS A 259 -9.36 8.67 26.11
N ALA A 260 -9.19 9.97 25.94
CA ALA A 260 -9.77 10.94 26.87
C ALA A 260 -11.28 10.93 26.75
N LEU A 261 -11.76 10.86 25.51
CA LEU A 261 -13.20 10.77 25.25
C LEU A 261 -13.74 9.40 25.65
N LYS A 262 -12.91 8.38 25.47
CA LYS A 262 -13.33 7.00 25.70
C LYS A 262 -13.33 6.67 27.19
N THR A 263 -12.57 7.44 27.97
CA THR A 263 -12.45 7.18 29.41
C THR A 263 -12.93 8.34 30.26
N GLU A 264 -13.71 9.24 29.66
CA GLU A 264 -14.28 10.35 30.40
C GLU A 264 -15.36 9.82 31.35
N PRO A 265 -15.20 10.11 32.66
CA PRO A 265 -16.05 9.58 33.73
C PRO A 265 -17.55 9.86 33.54
N VAL A 266 -17.92 11.13 33.45
CA VAL A 266 -19.32 11.51 33.32
C VAL A 266 -19.90 11.00 32.00
N LEU A 267 -19.06 10.90 30.99
CA LEU A 267 -19.49 10.51 29.65
C LEU A 267 -19.82 9.02 29.55
N GLY A 268 -19.61 8.29 30.65
CA GLY A 268 -19.88 6.87 30.68
C GLY A 268 -18.82 6.05 29.97
N ALA A 269 -19.15 4.81 29.67
CA ALA A 269 -18.22 3.91 28.98
C ALA A 269 -18.69 3.63 27.56
N THR A 270 -19.89 3.08 27.44
CA THR A 270 -20.46 2.76 26.14
C THR A 270 -20.76 4.04 25.36
N LEU A 271 -21.23 5.06 26.06
CA LEU A 271 -21.51 6.35 25.44
C LEU A 271 -20.20 7.02 25.04
N GLY A 272 -19.22 6.95 25.92
CA GLY A 272 -17.91 7.53 25.67
C GLY A 272 -17.18 6.86 24.52
N GLY A 273 -17.49 5.58 24.31
CA GLY A 273 -16.91 4.84 23.20
C GLY A 273 -17.45 5.31 21.86
N VAL A 274 -18.71 5.73 21.86
CA VAL A 274 -19.35 6.26 20.66
C VAL A 274 -18.73 7.59 20.27
N MET A 275 -18.53 8.45 21.27
CA MET A 275 -17.95 9.77 21.05
C MET A 275 -16.56 9.66 20.40
N SER A 276 -15.75 8.76 20.93
CA SER A 276 -14.40 8.54 20.43
C SER A 276 -14.41 7.99 19.01
N THR A 277 -15.36 7.11 18.72
CA THR A 277 -15.50 6.53 17.39
C THR A 277 -15.94 7.59 16.38
N LEU A 278 -16.91 8.41 16.78
CA LEU A 278 -17.41 9.48 15.94
C LEU A 278 -16.30 10.47 15.59
N PHE A 279 -15.41 10.71 16.55
CA PHE A 279 -14.26 11.57 16.33
C PHE A 279 -13.31 10.98 15.30
N ALA A 280 -13.14 9.66 15.35
CA ALA A 280 -12.25 8.97 14.44
C ALA A 280 -12.79 9.00 13.00
N VAL A 281 -14.10 8.84 12.87
CA VAL A 281 -14.74 8.92 11.56
C VAL A 281 -14.66 10.34 11.02
N ALA A 282 -14.77 11.32 11.92
CA ALA A 282 -14.62 12.72 11.56
C ALA A 282 -13.19 13.01 11.12
N LEU A 283 -12.23 12.34 11.74
CA LEU A 283 -10.82 12.49 11.37
C LEU A 283 -10.58 11.92 9.98
N LEU A 284 -11.23 10.81 9.68
CA LEU A 284 -11.15 10.22 8.35
C LEU A 284 -11.84 11.14 7.34
N ALA A 285 -12.98 11.70 7.73
CA ALA A 285 -13.75 12.59 6.88
C ALA A 285 -12.98 13.87 6.58
N SER A 286 -12.11 14.27 7.50
CA SER A 286 -11.31 15.49 7.34
C SER A 286 -10.31 15.35 6.20
N GLY A 287 -10.02 14.10 5.82
CA GLY A 287 -9.05 13.83 4.77
C GLY A 287 -9.58 14.03 3.37
N GLN A 288 -10.54 13.19 2.97
CA GLN A 288 -11.02 13.13 1.59
C GLN A 288 -11.56 14.46 1.04
N ASN A 289 -11.91 15.39 1.92
CA ASN A 289 -12.33 16.71 1.47
C ASN A 289 -11.13 17.60 1.18
N SER A 290 -10.05 17.37 1.92
CA SER A 290 -8.83 18.18 1.81
C SER A 290 -8.04 17.89 0.55
N THR A 291 -8.12 16.65 0.08
CA THR A 291 -7.33 16.22 -1.08
C THR A 291 -7.88 16.77 -2.38
N ILE A 292 -9.19 17.04 -2.40
CA ILE A 292 -9.83 17.55 -3.60
C ILE A 292 -9.51 19.03 -3.80
N THR A 293 -9.53 19.78 -2.71
CA THR A 293 -9.22 21.20 -2.75
C THR A 293 -7.73 21.42 -2.99
N GLY A 294 -6.92 20.51 -2.49
CA GLY A 294 -5.48 20.58 -2.68
C GLY A 294 -5.04 20.23 -4.08
N THR A 295 -5.82 19.38 -4.75
CA THR A 295 -5.51 18.97 -6.11
C THR A 295 -5.75 20.08 -7.13
N LEU A 296 -6.82 20.84 -6.93
CA LEU A 296 -7.12 21.97 -7.80
C LEU A 296 -6.07 23.06 -7.66
N ALA A 297 -5.60 23.27 -6.44
CA ALA A 297 -4.56 24.26 -6.15
C ALA A 297 -3.24 23.89 -6.81
N GLY A 298 -2.97 22.59 -6.91
CA GLY A 298 -1.74 22.12 -7.53
C GLY A 298 -1.71 22.39 -9.02
N GLN A 299 -2.88 22.34 -9.65
CA GLN A 299 -3.01 22.64 -11.07
C GLN A 299 -2.62 24.07 -11.36
N ILE A 300 -3.10 24.99 -10.53
CA ILE A 300 -2.82 26.41 -10.68
C ILE A 300 -1.34 26.72 -10.56
N VAL A 301 -0.71 26.15 -9.53
CA VAL A 301 0.71 26.36 -9.28
C VAL A 301 1.57 25.86 -10.43
N MET A 302 1.31 24.63 -10.89
CA MET A 302 2.12 24.03 -11.94
C MET A 302 1.92 24.72 -13.28
N GLU A 303 0.66 25.02 -13.63
CA GLU A 303 0.35 25.70 -14.87
C GLU A 303 0.80 27.16 -14.81
N GLY A 304 0.89 27.70 -13.60
CA GLY A 304 1.30 29.08 -13.40
C GLY A 304 2.80 29.28 -13.54
N PHE A 305 3.57 28.43 -12.87
CA PHE A 305 5.02 28.57 -12.86
C PHE A 305 5.69 27.83 -14.03
N LEU A 306 5.33 26.57 -14.23
CA LEU A 306 5.97 25.74 -15.24
C LEU A 306 5.26 25.79 -16.58
N ARG A 307 4.01 26.27 -16.57
CA ARG A 307 3.17 26.29 -17.76
C ARG A 307 3.06 24.88 -18.36
N LEU A 308 2.88 23.91 -17.48
CA LEU A 308 2.79 22.50 -17.87
C LEU A 308 1.41 21.98 -17.51
N SER A 309 0.82 21.17 -18.40
CA SER A 309 -0.54 20.69 -18.19
C SER A 309 -0.63 19.17 -18.14
N ILE A 310 -1.05 18.65 -16.99
CA ILE A 310 -1.36 17.23 -16.84
C ILE A 310 -2.69 17.08 -16.13
N PRO A 311 -3.42 15.98 -16.41
CA PRO A 311 -4.73 15.76 -15.78
C PRO A 311 -4.67 15.70 -14.26
N ASN A 312 -5.76 16.06 -13.60
CA ASN A 312 -5.80 16.13 -12.14
C ASN A 312 -5.59 14.77 -11.47
N TRP A 313 -6.15 13.72 -12.05
CA TRP A 313 -6.03 12.38 -11.46
C TRP A 313 -4.57 11.95 -11.43
N LEU A 314 -3.80 12.39 -12.41
CA LEU A 314 -2.38 12.09 -12.47
C LEU A 314 -1.60 12.81 -11.38
N ARG A 315 -1.76 14.12 -11.31
CA ARG A 315 -1.09 14.92 -10.29
C ARG A 315 -1.56 14.54 -8.88
N ARG A 316 -2.81 14.10 -8.78
CA ARG A 316 -3.36 13.63 -7.51
C ARG A 316 -2.63 12.36 -7.09
N LEU A 317 -2.22 11.58 -8.08
CA LEU A 317 -1.48 10.35 -7.82
C LEU A 317 -0.03 10.68 -7.48
N ILE A 318 0.61 11.55 -8.27
CA ILE A 318 2.00 11.95 -8.03
C ILE A 318 2.19 12.62 -6.68
N THR A 319 1.31 13.58 -6.37
CA THR A 319 1.41 14.31 -5.10
C THR A 319 1.24 13.37 -3.90
N ARG A 320 0.27 12.46 -3.99
CA ARG A 320 0.00 11.52 -2.93
C ARG A 320 1.16 10.55 -2.74
N SER A 321 1.71 10.07 -3.85
CA SER A 321 2.84 9.14 -3.81
C SER A 321 4.03 9.77 -3.11
N LEU A 322 4.27 11.05 -3.38
CA LEU A 322 5.36 11.78 -2.76
C LEU A 322 5.08 12.09 -1.29
N ALA A 323 3.81 12.13 -0.92
CA ALA A 323 3.41 12.47 0.44
C ALA A 323 3.49 11.26 1.38
N VAL A 324 3.25 10.07 0.83
CA VAL A 324 3.24 8.85 1.62
C VAL A 324 4.66 8.40 1.99
N ILE A 325 5.61 8.67 1.10
CA ILE A 325 6.99 8.25 1.30
C ILE A 325 7.61 8.73 2.63
N PRO A 326 7.56 10.04 2.94
CA PRO A 326 8.16 10.42 4.22
C PRO A 326 7.37 9.91 5.42
N VAL A 327 6.07 9.68 5.23
CA VAL A 327 5.25 9.08 6.27
C VAL A 327 5.72 7.66 6.56
N ILE A 328 5.92 6.89 5.49
CA ILE A 328 6.38 5.50 5.62
C ILE A 328 7.78 5.43 6.20
N ILE A 329 8.69 6.26 5.67
CA ILE A 329 10.06 6.33 6.16
C ILE A 329 10.07 6.64 7.66
N CYS A 330 9.20 7.55 8.07
CA CYS A 330 9.07 7.90 9.48
C CYS A 330 8.59 6.70 10.31
N LEU A 331 7.65 5.95 9.75
CA LEU A 331 7.09 4.80 10.44
C LEU A 331 8.09 3.65 10.53
N ILE A 332 8.96 3.55 9.53
CA ILE A 332 9.99 2.50 9.51
C ILE A 332 11.08 2.80 10.52
N ILE A 333 11.54 4.05 10.56
CA ILE A 333 12.60 4.47 11.46
C ILE A 333 12.24 4.33 12.93
N PHE A 334 11.11 4.92 13.32
CA PHE A 334 10.70 4.92 14.72
C PHE A 334 9.79 3.75 15.07
N LYS A 335 9.84 2.70 14.25
CA LYS A 335 9.11 1.46 14.49
C LYS A 335 7.62 1.67 14.73
N GLY A 336 7.00 2.52 13.92
CA GLY A 336 5.57 2.73 13.98
C GLY A 336 5.08 3.49 15.21
N ASN A 337 5.96 4.29 15.81
CA ASN A 337 5.59 5.07 16.98
C ASN A 337 4.52 6.11 16.64
N SER A 338 3.39 6.05 17.34
CA SER A 338 2.26 6.93 17.05
C SER A 338 2.55 8.39 17.42
N GLU A 339 3.31 8.59 18.49
CA GLU A 339 3.66 9.94 18.92
C GLU A 339 4.64 10.58 17.93
N LYS A 340 5.38 9.76 17.22
CA LYS A 340 6.38 10.25 16.28
C LYS A 340 5.76 10.63 14.94
N ILE A 341 4.73 9.90 14.53
CA ILE A 341 4.05 10.21 13.27
C ILE A 341 3.19 11.46 13.44
N GLU A 342 2.87 11.80 14.68
CA GLU A 342 2.13 13.01 14.99
C GLU A 342 3.07 14.21 15.00
N GLN A 343 4.36 13.96 15.27
CA GLN A 343 5.37 15.00 15.21
C GLN A 343 5.63 15.39 13.76
N LEU A 344 5.53 14.42 12.86
CA LEU A 344 5.66 14.68 11.43
C LEU A 344 4.47 15.52 10.98
N LEU A 345 3.32 15.23 11.56
CA LEU A 345 2.09 15.97 11.30
C LEU A 345 2.26 17.45 11.65
N VAL A 346 2.72 17.71 12.86
CA VAL A 346 2.98 19.08 13.30
C VAL A 346 4.05 19.74 12.44
N PHE A 347 5.10 18.99 12.11
CA PHE A 347 6.19 19.50 11.31
C PHE A 347 5.75 19.89 9.90
N SER A 348 4.74 19.20 9.38
CA SER A 348 4.22 19.48 8.05
C SER A 348 3.59 20.87 8.00
N GLN A 349 3.05 21.31 9.14
CA GLN A 349 2.44 22.63 9.23
C GLN A 349 3.49 23.70 9.50
N VAL A 350 4.59 23.29 10.14
CA VAL A 350 5.70 24.20 10.41
C VAL A 350 6.45 24.47 9.11
N PHE A 351 6.40 23.52 8.18
CA PHE A 351 7.03 23.72 6.87
C PHE A 351 6.22 24.72 6.04
N LEU A 352 4.91 24.70 6.21
CA LEU A 352 4.03 25.66 5.55
C LEU A 352 4.39 27.08 5.98
N SER A 353 4.97 27.18 7.17
CA SER A 353 5.47 28.45 7.68
C SER A 353 6.69 28.91 6.90
N ILE A 354 7.57 27.96 6.59
CA ILE A 354 8.81 28.26 5.87
C ILE A 354 8.53 28.68 4.43
N ALA A 355 7.49 28.09 3.84
CA ALA A 355 7.18 28.33 2.44
C ALA A 355 6.38 29.61 2.22
N LEU A 356 5.84 30.17 3.31
CA LEU A 356 4.99 31.35 3.21
C LEU A 356 5.67 32.60 2.64
N PRO A 357 6.89 32.95 3.09
CA PRO A 357 7.50 34.18 2.55
C PRO A 357 7.69 34.15 1.03
N PHE A 358 7.87 32.97 0.46
CA PHE A 358 8.06 32.84 -0.98
C PHE A 358 6.75 33.02 -1.74
N SER A 359 5.65 33.20 -1.01
CA SER A 359 4.35 33.41 -1.63
C SER A 359 3.79 34.79 -1.26
N LEU A 360 4.15 35.27 -0.08
CA LEU A 360 3.64 36.55 0.42
C LEU A 360 4.30 37.73 -0.27
N ILE A 361 5.61 37.62 -0.53
CA ILE A 361 6.35 38.70 -1.19
C ILE A 361 5.88 38.97 -2.62
N PRO A 362 5.68 37.91 -3.44
CA PRO A 362 5.12 38.21 -4.77
C PRO A 362 3.72 38.80 -4.70
N LEU A 363 2.93 38.34 -3.73
CA LEU A 363 1.60 38.87 -3.49
C LEU A 363 1.67 40.35 -3.14
N GLN A 364 2.75 40.73 -2.46
CA GLN A 364 2.96 42.12 -2.05
C GLN A 364 3.26 43.02 -3.24
N LEU A 365 4.18 42.57 -4.09
CA LEU A 365 4.64 43.34 -5.24
C LEU A 365 3.52 43.63 -6.23
N ALA A 366 2.63 42.66 -6.42
CA ALA A 366 1.51 42.80 -7.33
C ALA A 366 0.46 43.77 -6.76
N THR A 367 0.37 43.77 -5.44
CA THR A 367 -0.61 44.58 -4.72
C THR A 367 -0.14 46.03 -4.61
N SER A 368 1.07 46.32 -5.08
CA SER A 368 1.57 47.69 -5.06
C SER A 368 1.96 48.19 -6.45
N ASN A 369 1.10 47.96 -7.44
CA ASN A 369 1.41 48.41 -8.80
C ASN A 369 0.22 48.79 -9.70
N LYS A 370 -0.73 47.88 -9.86
CA LYS A 370 -1.70 48.06 -10.94
C LYS A 370 -3.15 48.18 -10.53
N LYS A 371 -3.49 49.36 -10.01
CA LYS A 371 -4.87 49.81 -9.84
C LYS A 371 -5.62 49.04 -8.76
N LEU A 372 -6.62 49.68 -8.14
CA LEU A 372 -7.52 49.00 -7.23
C LEU A 372 -6.78 48.34 -6.06
N MET A 373 -5.51 48.71 -5.89
CA MET A 373 -4.66 48.07 -4.89
C MET A 373 -4.64 48.85 -3.58
N GLY A 374 -4.19 48.21 -2.51
CA GLY A 374 -4.37 48.70 -1.16
C GLY A 374 -3.58 49.93 -0.73
N PRO A 375 -4.19 50.74 0.14
CA PRO A 375 -3.67 51.98 0.72
C PRO A 375 -2.48 51.79 1.65
N PHE A 376 -2.63 50.94 2.66
CA PHE A 376 -1.51 50.69 3.56
C PHE A 376 -0.91 49.32 3.30
N ILE A 377 0.29 49.32 2.72
CA ILE A 377 1.08 48.11 2.53
C ILE A 377 1.89 47.92 3.82
N ASN A 378 1.68 48.84 4.76
CA ASN A 378 2.39 48.86 6.04
C ASN A 378 2.05 47.63 6.89
N LYS A 379 0.76 47.31 6.95
CA LYS A 379 0.27 46.22 7.78
C LYS A 379 0.71 44.88 7.18
N THR A 380 1.13 44.91 5.92
CA THR A 380 1.47 43.69 5.20
C THR A 380 2.98 43.46 5.12
N TRP A 381 3.75 44.54 5.27
CA TRP A 381 5.21 44.42 5.19
C TRP A 381 5.79 43.99 6.53
N VAL A 382 5.17 44.49 7.61
CA VAL A 382 5.62 44.17 8.96
C VAL A 382 5.29 42.70 9.27
N ASN A 383 4.31 42.16 8.55
CA ASN A 383 3.96 40.75 8.70
C ASN A 383 5.02 39.82 8.13
N ILE A 384 5.54 40.16 6.95
CA ILE A 384 6.55 39.34 6.29
C ILE A 384 7.89 39.35 7.03
N ILE A 385 8.36 40.55 7.40
CA ILE A 385 9.66 40.67 8.05
C ILE A 385 9.65 40.00 9.42
N SER A 386 8.57 40.18 10.18
CA SER A 386 8.44 39.53 11.48
C SER A 386 8.27 38.03 11.30
N TRP A 387 7.80 37.64 10.13
CA TRP A 387 7.59 36.24 9.81
C TRP A 387 8.91 35.54 9.51
N THR A 388 9.63 36.07 8.53
CA THR A 388 10.91 35.50 8.12
C THR A 388 11.92 35.56 9.27
N LEU A 389 11.77 36.57 10.12
CA LEU A 389 12.59 36.69 11.32
C LEU A 389 12.44 35.47 12.23
N ILE A 390 11.19 35.05 12.42
CA ILE A 390 10.88 33.96 13.32
C ILE A 390 11.23 32.59 12.72
N VAL A 391 10.87 32.37 11.46
CA VAL A 391 11.12 31.08 10.82
C VAL A 391 12.61 30.83 10.63
N ILE A 392 13.40 31.91 10.58
CA ILE A 392 14.85 31.78 10.49
C ILE A 392 15.45 31.61 11.88
N LEU A 393 14.93 32.36 12.85
CA LEU A 393 15.34 32.21 14.24
C LEU A 393 15.17 30.76 14.70
N SER A 394 14.00 30.20 14.45
CA SER A 394 13.73 28.81 14.75
C SER A 394 14.58 27.91 13.85
N GLY A 395 14.77 28.33 12.61
CA GLY A 395 15.55 27.58 11.65
C GLY A 395 17.03 27.54 12.00
N LEU A 396 17.46 28.49 12.82
CA LEU A 396 18.86 28.57 13.23
C LEU A 396 19.07 28.04 14.64
N ASN A 397 18.13 28.34 15.54
CA ASN A 397 18.25 27.92 16.94
C ASN A 397 18.23 26.41 17.08
N VAL A 398 17.47 25.75 16.21
CA VAL A 398 17.46 24.29 16.16
C VAL A 398 18.75 23.76 15.56
N TYR A 399 19.17 24.37 14.46
CA TYR A 399 20.40 23.98 13.78
C TYR A 399 21.62 24.67 14.40
N VAL B 5 -10.88 -3.14 37.51
CA VAL B 5 -10.07 -3.28 36.31
C VAL B 5 -8.99 -4.34 36.48
N GLN B 6 -8.99 -5.33 35.61
CA GLN B 6 -8.04 -6.43 35.68
C GLN B 6 -7.23 -6.55 34.40
N LEU B 7 -5.97 -6.94 34.54
CA LEU B 7 -5.09 -7.13 33.39
C LEU B 7 -5.24 -8.55 32.84
N GLN B 8 -5.54 -8.65 31.55
CA GLN B 8 -5.84 -9.94 30.94
C GLN B 8 -4.80 -10.31 29.89
N GLU B 9 -4.40 -11.58 29.89
CA GLU B 9 -3.35 -12.06 29.00
C GLU B 9 -3.85 -13.12 28.03
N SER B 10 -3.30 -13.13 26.82
CA SER B 10 -3.68 -14.10 25.80
C SER B 10 -2.60 -14.21 24.72
N GLY B 11 -2.82 -15.11 23.77
CA GLY B 11 -1.92 -15.27 22.65
C GLY B 11 -0.91 -16.38 22.82
N GLY B 12 -0.89 -16.99 24.00
CA GLY B 12 0.04 -18.07 24.28
C GLY B 12 -0.46 -19.40 23.75
N GLY B 13 0.19 -20.49 24.15
CA GLY B 13 -0.22 -21.82 23.74
C GLY B 13 0.91 -22.77 23.42
N LEU B 14 0.72 -23.56 22.38
CA LEU B 14 1.68 -24.60 21.99
C LEU B 14 2.24 -24.33 20.60
N VAL B 15 3.55 -24.43 20.46
CA VAL B 15 4.21 -24.22 19.18
C VAL B 15 5.52 -25.01 19.11
N GLN B 16 5.97 -25.30 17.89
CA GLN B 16 7.23 -26.02 17.67
C GLN B 16 8.41 -25.05 17.67
N ALA B 17 9.58 -25.55 18.04
CA ALA B 17 10.81 -24.75 18.01
C ALA B 17 11.05 -24.19 16.61
N GLY B 18 11.33 -22.89 16.55
CA GLY B 18 11.50 -22.21 15.27
C GLY B 18 10.25 -21.43 14.91
N GLY B 19 9.13 -21.82 15.53
CA GLY B 19 7.87 -21.14 15.30
C GLY B 19 7.81 -19.82 16.06
N SER B 20 6.66 -19.14 15.97
CA SER B 20 6.51 -17.85 16.62
C SER B 20 5.17 -17.71 17.34
N LEU B 21 5.13 -16.85 18.35
CA LEU B 21 3.91 -16.53 19.07
C LEU B 21 3.81 -15.04 19.35
N ARG B 22 2.61 -14.58 19.70
CA ARG B 22 2.39 -13.17 20.03
C ARG B 22 1.48 -13.04 21.24
N LEU B 23 2.04 -12.60 22.36
CA LEU B 23 1.27 -12.43 23.59
C LEU B 23 0.54 -11.10 23.58
N SER B 24 -0.61 -11.04 24.24
CA SER B 24 -1.41 -9.83 24.30
C SER B 24 -1.69 -9.42 25.74
N CYS B 25 -1.41 -8.17 26.06
CA CYS B 25 -1.65 -7.64 27.40
C CYS B 25 -2.64 -6.48 27.35
N ALA B 26 -3.89 -6.75 27.70
CA ALA B 26 -4.92 -5.72 27.72
C ALA B 26 -5.63 -5.71 29.07
N ALA B 27 -6.41 -4.65 29.31
CA ALA B 27 -7.14 -4.53 30.56
C ALA B 27 -8.62 -4.87 30.37
N SER B 28 -9.30 -5.16 31.49
CA SER B 28 -10.69 -5.59 31.46
C SER B 28 -11.62 -4.51 30.91
N ARG B 29 -11.36 -3.26 31.27
CA ARG B 29 -12.19 -2.16 30.77
C ARG B 29 -11.35 -1.11 30.05
N SER B 30 -12.03 -0.06 29.59
CA SER B 30 -11.37 1.01 28.83
C SER B 30 -10.36 1.78 29.69
N ILE B 31 -9.15 1.91 29.17
CA ILE B 31 -8.08 2.60 29.87
C ILE B 31 -7.62 3.79 29.03
N PHE B 32 -7.08 4.82 29.67
CA PHE B 32 -6.54 5.95 28.93
C PHE B 32 -5.14 5.65 28.40
N SER B 33 -4.29 5.10 29.24
CA SER B 33 -2.90 4.87 28.87
C SER B 33 -2.20 3.78 29.69
N ILE B 34 -1.42 2.94 29.02
CA ILE B 34 -0.49 2.04 29.68
C ILE B 34 0.90 2.66 29.60
N ASP B 35 1.27 3.40 30.64
CA ASP B 35 2.51 4.17 30.64
C ASP B 35 3.76 3.28 30.58
N THR B 36 3.72 2.15 31.27
CA THR B 36 4.85 1.24 31.31
C THR B 36 4.37 -0.20 31.34
N ALA B 37 5.16 -1.11 30.76
CA ALA B 37 4.80 -2.51 30.74
C ALA B 37 6.02 -3.42 30.85
N ASN B 38 5.87 -4.52 31.57
CA ASN B 38 6.93 -5.51 31.73
C ASN B 38 6.42 -6.92 31.41
N TRP B 39 7.25 -7.70 30.73
CA TRP B 39 6.92 -9.10 30.47
C TRP B 39 7.85 -10.03 31.24
N TYR B 40 7.31 -10.69 32.25
CA TYR B 40 8.06 -11.68 33.02
C TYR B 40 7.75 -13.09 32.57
N ARG B 41 8.67 -14.01 32.84
CA ARG B 41 8.44 -15.42 32.57
C ARG B 41 9.08 -16.26 33.67
N GLN B 42 8.59 -17.49 33.84
CA GLN B 42 9.11 -18.37 34.87
C GLN B 42 9.17 -19.82 34.39
N PRO B 43 10.32 -20.24 33.87
CA PRO B 43 10.54 -21.62 33.45
C PRO B 43 10.43 -22.60 34.61
N PRO B 44 9.99 -23.84 34.34
CA PRO B 44 9.82 -24.88 35.37
C PRO B 44 11.12 -25.15 36.14
N GLY B 45 11.08 -24.91 37.44
CA GLY B 45 12.22 -25.18 38.31
C GLY B 45 13.23 -24.04 38.36
N MET B 46 12.84 -22.89 37.84
CA MET B 46 13.73 -21.73 37.82
C MET B 46 13.04 -20.49 38.39
N GLN B 47 13.76 -19.37 38.41
CA GLN B 47 13.25 -18.13 39.02
C GLN B 47 12.44 -17.30 38.03
N ARG B 48 11.66 -16.37 38.57
CA ARG B 48 10.90 -15.42 37.76
C ARG B 48 11.86 -14.45 37.08
N GLU B 49 11.82 -14.41 35.76
CA GLU B 49 12.80 -13.64 34.98
C GLU B 49 12.16 -12.52 34.18
N LEU B 50 12.75 -11.32 34.26
CA LEU B 50 12.32 -10.20 33.45
C LEU B 50 12.80 -10.39 32.02
N VAL B 51 11.88 -10.32 31.06
CA VAL B 51 12.20 -10.57 29.67
C VAL B 51 12.17 -9.31 28.81
N ALA B 52 11.06 -8.58 28.88
CA ALA B 52 10.89 -7.39 28.05
C ALA B 52 10.37 -6.22 28.88
N THR B 53 10.79 -5.02 28.49
CA THR B 53 10.36 -3.80 29.16
C THR B 53 10.21 -2.65 28.17
N ILE B 54 9.00 -2.12 28.06
CA ILE B 54 8.75 -0.97 27.19
C ILE B 54 8.46 0.26 28.05
N THR B 55 8.92 1.42 27.58
CA THR B 55 8.76 2.65 28.35
C THR B 55 7.67 3.54 27.78
N ARG B 56 7.41 4.65 28.46
CA ARG B 56 6.41 5.63 28.05
C ARG B 56 6.72 6.20 26.66
N ASP B 57 7.99 6.54 26.44
CA ASP B 57 8.41 7.15 25.20
C ASP B 57 8.53 6.15 24.06
N GLY B 58 8.39 4.87 24.37
CA GLY B 58 8.36 3.83 23.36
C GLY B 58 9.59 2.96 23.29
N ASN B 59 10.66 3.38 23.96
CA ASN B 59 11.91 2.61 23.95
C ASN B 59 11.74 1.29 24.68
N ALA B 60 12.50 0.29 24.24
CA ALA B 60 12.38 -1.05 24.79
C ALA B 60 13.74 -1.70 25.02
N ASN B 61 13.76 -2.70 25.89
CA ASN B 61 14.95 -3.47 26.17
C ASN B 61 14.60 -4.91 26.52
N TYR B 62 15.48 -5.84 26.18
CA TYR B 62 15.18 -7.25 26.35
C TYR B 62 16.32 -7.98 27.06
N ALA B 63 16.00 -9.14 27.64
CA ALA B 63 17.02 -9.99 28.24
C ALA B 63 17.96 -10.51 27.17
N ASP B 64 19.21 -10.75 27.54
CA ASP B 64 20.22 -11.21 26.59
C ASP B 64 19.84 -12.58 26.02
N SER B 65 19.06 -13.34 26.78
CA SER B 65 18.62 -14.67 26.34
C SER B 65 17.50 -14.58 25.33
N VAL B 66 16.87 -13.40 25.23
CA VAL B 66 15.72 -13.23 24.36
C VAL B 66 15.87 -12.08 23.36
N LYS B 67 16.91 -11.26 23.53
CA LYS B 67 17.11 -10.11 22.66
C LYS B 67 17.40 -10.54 21.23
N GLY B 68 16.81 -9.83 20.27
CA GLY B 68 16.96 -10.15 18.87
C GLY B 68 15.87 -11.09 18.39
N ARG B 69 15.22 -11.77 19.33
CA ARG B 69 14.15 -12.70 19.00
C ARG B 69 12.80 -12.19 19.50
N PHE B 70 12.80 -11.56 20.67
CA PHE B 70 11.57 -11.04 21.24
C PHE B 70 11.43 -9.54 20.98
N THR B 71 10.19 -9.07 20.92
CA THR B 71 9.92 -7.65 20.65
C THR B 71 8.66 -7.18 21.36
N ILE B 72 8.84 -6.35 22.40
CA ILE B 72 7.71 -5.77 23.10
C ILE B 72 7.29 -4.47 22.43
N SER B 73 5.99 -4.22 22.39
CA SER B 73 5.48 -3.03 21.71
C SER B 73 4.12 -2.63 22.27
N ARG B 74 3.77 -1.36 22.07
CA ARG B 74 2.51 -0.82 22.57
C ARG B 74 1.55 -0.45 21.44
N ASP B 75 0.35 -0.98 21.50
CA ASP B 75 -0.71 -0.58 20.58
C ASP B 75 -1.53 0.53 21.22
N ARG B 76 -1.15 1.77 20.92
CA ARG B 76 -1.76 2.95 21.55
C ARG B 76 -3.25 3.04 21.27
N ALA B 77 -3.68 2.57 20.11
CA ALA B 77 -5.08 2.64 19.73
C ALA B 77 -5.95 1.77 20.62
N ARG B 78 -5.44 0.60 20.98
CA ARG B 78 -6.22 -0.36 21.77
C ARG B 78 -5.68 -0.53 23.18
N ASN B 79 -4.69 0.29 23.54
CA ASN B 79 -4.00 0.19 24.83
C ASN B 79 -3.62 -1.24 25.15
N THR B 80 -2.88 -1.87 24.25
CA THR B 80 -2.47 -3.25 24.39
C THR B 80 -0.98 -3.38 24.20
N VAL B 81 -0.33 -4.13 25.09
CA VAL B 81 1.10 -4.37 24.99
C VAL B 81 1.37 -5.77 24.47
N TYR B 82 2.01 -5.86 23.31
CA TYR B 82 2.28 -7.14 22.68
C TYR B 82 3.72 -7.59 22.90
N LEU B 83 3.92 -8.90 22.93
CA LEU B 83 5.26 -9.47 22.99
C LEU B 83 5.46 -10.44 21.83
N GLN B 84 6.08 -9.97 20.76
CA GLN B 84 6.31 -10.81 19.59
C GLN B 84 7.50 -11.72 19.81
N MET B 85 7.21 -13.01 19.96
CA MET B 85 8.24 -14.01 20.25
C MET B 85 8.56 -14.83 19.00
N ASN B 86 9.73 -14.58 18.42
CA ASN B 86 10.14 -15.28 17.21
C ASN B 86 11.31 -16.22 17.46
N SER B 87 11.44 -17.25 16.61
CA SER B 87 12.49 -18.24 16.72
C SER B 87 12.54 -18.85 18.11
N LEU B 88 11.42 -19.42 18.54
CA LEU B 88 11.26 -19.91 19.90
C LEU B 88 12.10 -21.16 20.18
N LYS B 89 12.77 -21.15 21.33
CA LYS B 89 13.56 -22.29 21.79
C LYS B 89 12.81 -23.02 22.90
N PRO B 90 13.13 -24.31 23.10
CA PRO B 90 12.47 -25.12 24.15
C PRO B 90 12.63 -24.54 25.55
N GLU B 91 13.67 -23.76 25.80
CA GLU B 91 13.89 -23.19 27.13
C GLU B 91 13.04 -21.95 27.36
N ASP B 92 12.36 -21.49 26.31
CA ASP B 92 11.44 -20.36 26.43
C ASP B 92 10.12 -20.81 27.04
N THR B 93 9.98 -22.11 27.24
CA THR B 93 8.78 -22.69 27.84
C THR B 93 8.63 -22.21 29.28
N GLY B 94 7.40 -21.88 29.66
CA GLY B 94 7.11 -21.43 31.01
C GLY B 94 5.84 -20.60 31.08
N VAL B 95 5.61 -19.98 32.23
CA VAL B 95 4.44 -19.13 32.42
C VAL B 95 4.81 -17.65 32.32
N TYR B 96 4.19 -16.96 31.38
CA TYR B 96 4.50 -15.55 31.13
C TYR B 96 3.52 -14.60 31.82
N TYR B 97 4.07 -13.68 32.60
CA TYR B 97 3.26 -12.70 33.32
C TYR B 97 3.40 -11.31 32.70
N CYS B 98 2.37 -10.48 32.92
CA CYS B 98 2.38 -9.14 32.38
C CYS B 98 2.23 -8.09 33.48
N ASN B 99 3.30 -7.35 33.73
CA ASN B 99 3.26 -6.22 34.66
C ASN B 99 3.14 -4.91 33.92
N ALA B 100 2.14 -4.10 34.28
CA ALA B 100 1.90 -2.85 33.56
C ALA B 100 1.36 -1.75 34.48
N ALA B 101 1.80 -0.52 34.20
CA ALA B 101 1.32 0.65 34.95
C ALA B 101 0.16 1.31 34.22
N ILE B 102 -1.06 0.93 34.60
CA ILE B 102 -2.26 1.41 33.94
C ILE B 102 -2.71 2.76 34.50
N ARG B 103 -3.12 3.66 33.61
CA ARG B 103 -3.69 4.94 34.00
C ARG B 103 -5.16 5.00 33.59
N THR B 104 -6.05 4.80 34.57
CA THR B 104 -7.48 4.70 34.33
C THR B 104 -8.03 5.89 33.53
N THR B 105 -7.77 7.09 34.03
CA THR B 105 -8.14 8.31 33.31
C THR B 105 -6.89 9.15 33.05
N VAL B 106 -7.10 10.33 32.49
CA VAL B 106 -5.98 11.21 32.14
C VAL B 106 -5.23 11.69 33.39
N ARG B 107 -5.97 12.18 34.37
CA ARG B 107 -5.36 12.79 35.55
C ARG B 107 -5.30 11.86 36.75
N THR B 108 -5.70 10.60 36.55
CA THR B 108 -5.58 9.59 37.60
C THR B 108 -4.12 9.17 37.74
N SER B 109 -3.68 8.94 38.98
CA SER B 109 -2.31 8.49 39.22
C SER B 109 -2.10 7.07 38.69
N ALA B 110 -0.90 6.80 38.19
CA ALA B 110 -0.61 5.50 37.58
C ALA B 110 -0.47 4.40 38.62
N GLN B 111 -1.40 3.46 38.61
CA GLN B 111 -1.37 2.32 39.52
C GLN B 111 -0.64 1.14 38.88
N GLU B 112 -0.06 0.28 39.72
CA GLU B 112 0.65 -0.91 39.22
C GLU B 112 -0.26 -2.12 39.19
N TYR B 113 -0.24 -2.85 38.08
CA TYR B 113 -1.08 -4.02 37.90
C TYR B 113 -0.27 -5.25 37.49
N TRP B 114 -0.68 -6.41 38.02
CA TRP B 114 -0.15 -7.69 37.58
C TRP B 114 -1.29 -8.49 36.94
N GLY B 115 -0.99 -9.73 36.55
CA GLY B 115 -2.00 -10.57 35.93
C GLY B 115 -1.70 -12.05 36.02
N GLN B 116 -2.74 -12.86 35.99
CA GLN B 116 -2.60 -14.32 35.94
C GLN B 116 -1.85 -14.71 34.68
N GLY B 117 -0.72 -15.40 34.86
CA GLY B 117 0.13 -15.76 33.74
C GLY B 117 -0.54 -16.65 32.71
N THR B 118 0.03 -16.68 31.51
CA THR B 118 -0.44 -17.54 30.44
C THR B 118 0.61 -18.58 30.13
N GLN B 119 0.18 -19.76 29.69
CA GLN B 119 1.10 -20.86 29.46
C GLN B 119 1.67 -20.87 28.05
N VAL B 120 3.00 -20.90 27.96
CA VAL B 120 3.69 -20.99 26.68
C VAL B 120 4.57 -22.23 26.66
N THR B 121 4.26 -23.16 25.75
CA THR B 121 4.99 -24.42 25.67
C THR B 121 5.65 -24.64 24.31
N VAL B 122 6.97 -24.51 24.27
CA VAL B 122 7.73 -24.82 23.06
C VAL B 122 8.18 -26.27 23.09
N SER B 123 7.65 -27.07 22.17
CA SER B 123 7.86 -28.51 22.19
C SER B 123 8.90 -28.98 21.18
N SER B 124 9.66 -30.01 21.57
CA SER B 124 10.64 -30.67 20.72
C SER B 124 11.64 -29.70 20.10
N VAL C 5 4.20 -36.38 13.80
CA VAL C 5 3.57 -35.10 13.48
C VAL C 5 2.34 -34.86 14.35
N GLN C 6 2.36 -33.74 15.08
CA GLN C 6 1.27 -33.42 16.00
C GLN C 6 0.69 -32.04 15.67
N LEU C 7 -0.62 -31.91 15.87
CA LEU C 7 -1.32 -30.65 15.63
C LEU C 7 -1.26 -29.76 16.87
N GLN C 8 -0.78 -28.52 16.69
CA GLN C 8 -0.56 -27.62 17.82
C GLN C 8 -1.47 -26.40 17.76
N GLU C 9 -2.01 -26.02 18.92
CA GLU C 9 -2.96 -24.91 19.00
C GLU C 9 -2.47 -23.78 19.89
N SER C 10 -2.82 -22.54 19.53
CA SER C 10 -2.40 -21.36 20.29
C SER C 10 -3.31 -20.17 19.99
N GLY C 11 -3.04 -19.04 20.66
CA GLY C 11 -3.76 -17.81 20.41
C GLY C 11 -4.91 -17.55 21.37
N GLY C 12 -5.20 -18.52 22.22
CA GLY C 12 -6.28 -18.39 23.19
C GLY C 12 -5.85 -17.62 24.42
N GLY C 13 -6.68 -17.66 25.46
CA GLY C 13 -6.36 -17.00 26.71
C GLY C 13 -7.54 -16.32 27.38
N LEU C 14 -7.28 -15.14 27.95
CA LEU C 14 -8.29 -14.40 28.70
C LEU C 14 -8.59 -13.07 28.05
N VAL C 15 -9.87 -12.75 27.89
CA VAL C 15 -10.28 -11.49 27.30
C VAL C 15 -11.66 -11.07 27.84
N GLN C 16 -11.96 -9.78 27.78
CA GLN C 16 -13.25 -9.28 28.22
C GLN C 16 -14.28 -9.39 27.11
N ALA C 17 -15.55 -9.52 27.50
CA ALA C 17 -16.66 -9.59 26.54
C ALA C 17 -16.65 -8.37 25.63
N GLY C 18 -16.75 -8.61 24.32
CA GLY C 18 -16.66 -7.54 23.35
C GLY C 18 -15.29 -7.52 22.70
N GLY C 19 -14.32 -8.13 23.38
CA GLY C 19 -12.96 -8.22 22.87
C GLY C 19 -12.85 -9.28 21.78
N SER C 20 -11.65 -9.50 21.28
CA SER C 20 -11.43 -10.45 20.20
C SER C 20 -10.21 -11.33 20.44
N LEU C 21 -10.23 -12.51 19.82
CA LEU C 21 -9.10 -13.43 19.88
C LEU C 21 -8.86 -14.07 18.51
N ARG C 22 -7.68 -14.66 18.34
CA ARG C 22 -7.34 -15.35 17.10
C ARG C 22 -6.62 -16.66 17.40
N LEU C 23 -7.30 -17.77 17.14
CA LEU C 23 -6.72 -19.09 17.38
C LEU C 23 -5.82 -19.51 16.23
N SER C 24 -4.80 -20.32 16.53
CA SER C 24 -3.87 -20.78 15.52
C SER C 24 -3.78 -22.30 15.50
N CYS C 25 -3.95 -22.89 14.32
CA CYS C 25 -3.86 -24.33 14.16
C CYS C 25 -2.74 -24.68 13.18
N ALA C 26 -1.60 -25.09 13.71
CA ALA C 26 -0.46 -25.49 12.88
C ALA C 26 0.03 -26.87 13.30
N ALA C 27 0.89 -27.46 12.47
CA ALA C 27 1.42 -28.78 12.75
C ALA C 27 2.85 -28.69 13.27
N SER C 28 3.30 -29.76 13.93
CA SER C 28 4.61 -29.79 14.57
C SER C 28 5.76 -29.66 13.56
N ARG C 29 5.62 -30.30 12.41
CA ARG C 29 6.67 -30.22 11.39
C ARG C 29 6.11 -29.70 10.07
N SER C 30 6.99 -29.61 9.07
CA SER C 30 6.60 -29.09 7.76
C SER C 30 5.58 -29.99 7.08
N ILE C 31 4.48 -29.37 6.63
CA ILE C 31 3.40 -30.09 5.96
C ILE C 31 3.21 -29.51 4.56
N PHE C 32 2.72 -30.33 3.63
CA PHE C 32 2.43 -29.84 2.30
C PHE C 32 1.12 -29.07 2.23
N SER C 33 0.07 -29.64 2.83
CA SER C 33 -1.26 -29.04 2.73
C SER C 33 -2.22 -29.45 3.85
N ILE C 34 -2.99 -28.49 4.34
CA ILE C 34 -4.14 -28.77 5.20
C ILE C 34 -5.39 -28.72 4.35
N ASP C 35 -5.82 -29.87 3.84
CA ASP C 35 -6.92 -29.93 2.89
C ASP C 35 -8.25 -29.52 3.52
N THR C 36 -8.44 -29.90 4.78
CA THR C 36 -9.69 -29.58 5.48
C THR C 36 -9.39 -29.27 6.95
N ALA C 37 -10.19 -28.39 7.55
CA ALA C 37 -10.00 -28.04 8.95
C ALA C 37 -11.33 -27.77 9.66
N ASN C 38 -11.41 -28.20 10.92
CA ASN C 38 -12.59 -27.97 11.74
C ASN C 38 -12.22 -27.36 13.09
N TRP C 39 -13.03 -26.42 13.55
CA TRP C 39 -12.86 -25.86 14.88
C TRP C 39 -14.01 -26.26 15.80
N TYR C 40 -13.72 -27.14 16.75
CA TYR C 40 -14.71 -27.56 17.74
C TYR C 40 -14.53 -26.81 19.04
N ARG C 41 -15.59 -26.72 19.83
CA ARG C 41 -15.49 -26.16 21.18
C ARG C 41 -16.41 -26.92 22.14
N GLN C 42 -16.11 -26.86 23.42
CA GLN C 42 -16.91 -27.54 24.42
C GLN C 42 -17.03 -26.71 25.70
N PRO C 43 -18.12 -25.94 25.80
CA PRO C 43 -18.40 -25.15 27.01
C PRO C 43 -18.55 -26.05 28.24
N PRO C 44 -18.20 -25.53 29.43
CA PRO C 44 -18.28 -26.30 30.67
C PRO C 44 -19.69 -26.83 30.95
N GLY C 45 -19.82 -28.15 31.00
CA GLY C 45 -21.10 -28.78 31.29
C GLY C 45 -21.97 -28.98 30.06
N MET C 46 -21.38 -28.80 28.88
CA MET C 46 -22.12 -28.96 27.63
C MET C 46 -21.42 -29.93 26.68
N GLN C 47 -22.01 -30.12 25.51
CA GLN C 47 -21.49 -31.08 24.53
C GLN C 47 -20.45 -30.45 23.62
N ARG C 48 -19.65 -31.29 22.97
CA ARG C 48 -18.68 -30.83 21.98
C ARG C 48 -19.42 -30.32 20.75
N GLU C 49 -19.19 -29.06 20.41
CA GLU C 49 -19.95 -28.40 19.35
C GLU C 49 -19.08 -27.97 18.18
N LEU C 50 -19.54 -28.27 16.97
CA LEU C 50 -18.85 -27.83 15.76
C LEU C 50 -19.08 -26.33 15.55
N VAL C 51 -18.00 -25.59 15.42
CA VAL C 51 -18.08 -24.13 15.30
C VAL C 51 -17.73 -23.64 13.89
N ALA C 52 -16.57 -24.06 13.39
CA ALA C 52 -16.11 -23.60 12.08
C ALA C 52 -15.62 -24.75 11.21
N THR C 53 -15.81 -24.61 9.90
CA THR C 53 -15.37 -25.60 8.94
C THR C 53 -14.92 -24.95 7.63
N ILE C 54 -13.65 -25.13 7.28
CA ILE C 54 -13.14 -24.61 6.02
C ILE C 54 -12.84 -25.76 5.06
N THR C 55 -13.06 -25.52 3.77
CA THR C 55 -12.88 -26.56 2.76
C THR C 55 -11.59 -26.37 1.97
N ARG C 56 -11.32 -27.33 1.08
CA ARG C 56 -10.13 -27.32 0.24
C ARG C 56 -10.04 -26.07 -0.65
N ASP C 57 -11.15 -25.72 -1.29
CA ASP C 57 -11.17 -24.58 -2.20
C ASP C 57 -11.23 -23.25 -1.46
N GLY C 58 -11.38 -23.31 -0.14
CA GLY C 58 -11.35 -22.11 0.68
C GLY C 58 -12.68 -21.71 1.28
N ASN C 59 -13.76 -22.32 0.80
CA ASN C 59 -15.10 -22.01 1.31
C ASN C 59 -15.26 -22.42 2.77
N ALA C 60 -16.08 -21.68 3.50
CA ALA C 60 -16.25 -21.91 4.93
C ALA C 60 -17.71 -21.82 5.37
N ASN C 61 -18.01 -22.42 6.52
CA ASN C 61 -19.34 -22.34 7.11
C ASN C 61 -19.26 -22.38 8.63
N TYR C 62 -20.20 -21.71 9.30
CA TYR C 62 -20.15 -21.59 10.74
C TYR C 62 -21.46 -21.96 11.42
N ALA C 63 -21.39 -22.27 12.70
CA ALA C 63 -22.58 -22.51 13.51
C ALA C 63 -23.38 -21.20 13.65
N ASP C 64 -24.69 -21.33 13.80
CA ASP C 64 -25.56 -20.16 13.88
C ASP C 64 -25.25 -19.29 15.10
N SER C 65 -24.70 -19.90 16.14
CA SER C 65 -24.35 -19.18 17.36
C SER C 65 -23.09 -18.35 17.21
N VAL C 66 -22.30 -18.63 16.17
CA VAL C 66 -21.01 -17.97 15.98
C VAL C 66 -20.88 -17.29 14.62
N LYS C 67 -21.82 -17.55 13.72
CA LYS C 67 -21.72 -16.99 12.38
C LYS C 67 -21.87 -15.47 12.41
N GLY C 68 -21.04 -14.79 11.62
CA GLY C 68 -21.03 -13.34 11.60
C GLY C 68 -20.04 -12.76 12.58
N ARG C 69 -19.65 -13.56 13.57
CA ARG C 69 -18.70 -13.12 14.57
C ARG C 69 -17.36 -13.85 14.44
N PHE C 70 -17.42 -15.13 14.11
CA PHE C 70 -16.21 -15.93 13.96
C PHE C 70 -15.81 -16.05 12.49
N THR C 71 -14.52 -16.24 12.24
CA THR C 71 -14.03 -16.34 10.88
C THR C 71 -12.84 -17.31 10.77
N ILE C 72 -13.08 -18.46 10.16
CA ILE C 72 -12.02 -19.43 9.92
C ILE C 72 -11.35 -19.16 8.57
N SER C 73 -10.04 -19.35 8.51
CA SER C 73 -9.29 -19.04 7.30
C SER C 73 -8.00 -19.84 7.21
N ARG C 74 -7.48 -19.99 5.99
CA ARG C 74 -6.26 -20.77 5.77
C ARG C 74 -5.10 -19.91 5.30
N ASP C 75 -3.98 -20.00 6.01
CA ASP C 75 -2.74 -19.36 5.58
C ASP C 75 -1.92 -20.37 4.79
N ARG C 76 -2.07 -20.36 3.48
CA ARG C 76 -1.43 -21.33 2.59
C ARG C 76 0.10 -21.30 2.69
N ALA C 77 0.65 -20.12 2.95
CA ALA C 77 2.10 -19.96 3.01
C ALA C 77 2.71 -20.71 4.19
N ARG C 78 2.03 -20.69 5.33
CA ARG C 78 2.56 -21.33 6.53
C ARG C 78 1.76 -22.56 6.95
N ASN C 79 0.81 -22.95 6.10
CA ASN C 79 -0.09 -24.07 6.39
C ASN C 79 -0.69 -23.97 7.79
N THR C 80 -1.34 -22.84 8.07
CA THR C 80 -1.93 -22.60 9.38
C THR C 80 -3.39 -22.18 9.23
N VAL C 81 -4.25 -22.78 10.04
CA VAL C 81 -5.67 -22.43 10.03
C VAL C 81 -6.02 -21.57 11.23
N TYR C 82 -6.47 -20.35 10.96
CA TYR C 82 -6.81 -19.41 12.02
C TYR C 82 -8.31 -19.35 12.26
N LEU C 83 -8.68 -19.02 13.49
CA LEU C 83 -10.08 -18.80 13.84
C LEU C 83 -10.24 -17.41 14.45
N GLN C 84 -10.63 -16.45 13.63
CA GLN C 84 -10.79 -15.08 14.08
C GLN C 84 -12.10 -14.92 14.85
N MET C 85 -12.00 -14.76 16.17
CA MET C 85 -13.17 -14.66 17.01
C MET C 85 -13.40 -13.22 17.47
N ASN C 86 -14.43 -12.58 16.92
CA ASN C 86 -14.74 -11.20 17.24
C ASN C 86 -16.05 -11.06 18.00
N SER C 87 -16.17 -9.98 18.77
CA SER C 87 -17.34 -9.70 19.58
C SER C 87 -17.68 -10.88 20.49
N LEU C 88 -16.71 -11.28 21.31
CA LEU C 88 -16.84 -12.47 22.14
C LEU C 88 -17.87 -12.32 23.25
N LYS C 89 -18.70 -13.35 23.41
CA LYS C 89 -19.70 -13.39 24.46
C LYS C 89 -19.26 -14.37 25.55
N PRO C 90 -19.76 -14.20 26.78
CA PRO C 90 -19.38 -15.07 27.90
C PRO C 90 -19.67 -16.56 27.65
N GLU C 91 -20.62 -16.88 26.78
CA GLU C 91 -20.97 -18.27 26.50
C GLU C 91 -20.00 -18.89 25.50
N ASP C 92 -19.13 -18.08 24.93
CA ASP C 92 -18.10 -18.57 24.02
C ASP C 92 -16.95 -19.18 24.80
N THR C 93 -17.01 -19.07 26.13
CA THR C 93 -16.02 -19.66 27.02
C THR C 93 -16.03 -21.18 26.91
N GLY C 94 -14.85 -21.78 26.88
CA GLY C 94 -14.72 -23.22 26.81
C GLY C 94 -13.38 -23.64 26.23
N VAL C 95 -13.25 -24.93 25.94
CA VAL C 95 -12.03 -25.46 25.36
C VAL C 95 -12.19 -25.68 23.86
N TYR C 96 -11.34 -25.02 23.07
CA TYR C 96 -11.43 -25.07 21.62
C TYR C 96 -10.47 -26.10 21.03
N TYR C 97 -11.02 -27.02 20.23
CA TYR C 97 -10.22 -28.06 19.59
C TYR C 97 -10.08 -27.83 18.09
N CYS C 98 -9.02 -28.36 17.51
CA CYS C 98 -8.78 -28.20 16.08
C CYS C 98 -8.67 -29.54 15.35
N ASN C 99 -9.66 -29.84 14.52
CA ASN C 99 -9.62 -31.03 13.66
C ASN C 99 -9.21 -30.66 12.25
N ALA C 100 -8.20 -31.32 11.72
CA ALA C 100 -7.67 -30.97 10.40
C ALA C 100 -7.15 -32.19 9.64
N ALA C 101 -7.35 -32.17 8.32
CA ALA C 101 -6.85 -33.23 7.45
C ALA C 101 -5.51 -32.84 6.85
N ILE C 102 -4.43 -33.25 7.52
CA ILE C 102 -3.08 -32.88 7.11
C ILE C 102 -2.53 -33.82 6.03
N ARG C 103 -1.85 -33.23 5.04
CA ARG C 103 -1.16 -33.99 4.01
C ARG C 103 0.34 -33.77 4.09
N THR C 104 1.05 -34.74 4.66
CA THR C 104 2.49 -34.62 4.93
C THR C 104 3.30 -34.28 3.68
N THR C 105 3.12 -35.05 2.62
CA THR C 105 3.75 -34.75 1.35
C THR C 105 2.70 -34.60 0.26
N VAL C 106 3.14 -34.41 -0.97
CA VAL C 106 2.23 -34.17 -2.10
C VAL C 106 1.37 -35.39 -2.41
N ARG C 107 1.99 -36.55 -2.52
CA ARG C 107 1.30 -37.75 -2.96
C ARG C 107 0.89 -38.65 -1.80
N THR C 108 1.12 -38.17 -0.58
CA THR C 108 0.68 -38.87 0.62
C THR C 108 -0.83 -38.70 0.78
N SER C 109 -1.51 -39.75 1.23
CA SER C 109 -2.95 -39.68 1.47
C SER C 109 -3.24 -38.79 2.67
N ALA C 110 -4.37 -38.09 2.63
CA ALA C 110 -4.72 -37.13 3.67
C ALA C 110 -5.15 -37.80 4.97
N GLN C 111 -4.36 -37.62 6.02
CA GLN C 111 -4.68 -38.15 7.34
C GLN C 111 -5.48 -37.16 8.19
N GLU C 112 -6.29 -37.68 9.10
CA GLU C 112 -7.07 -36.84 9.99
C GLU C 112 -6.34 -36.66 11.32
N TYR C 113 -6.26 -35.41 11.79
CA TYR C 113 -5.56 -35.12 13.03
C TYR C 113 -6.42 -34.32 14.00
N TRP C 114 -6.28 -34.62 15.29
CA TRP C 114 -6.87 -33.81 16.34
C TRP C 114 -5.74 -33.17 17.14
N GLY C 115 -6.10 -32.44 18.19
CA GLY C 115 -5.10 -31.80 19.02
C GLY C 115 -5.61 -31.46 20.41
N GLN C 116 -4.68 -31.36 21.36
CA GLN C 116 -5.01 -30.93 22.71
C GLN C 116 -5.60 -29.52 22.66
N GLY C 117 -6.82 -29.38 23.16
CA GLY C 117 -7.53 -28.12 23.09
C GLY C 117 -6.84 -26.98 23.81
N THR C 118 -7.22 -25.76 23.44
CA THR C 118 -6.70 -24.57 24.11
C THR C 118 -7.83 -23.86 24.85
N GLN C 119 -7.48 -23.20 25.95
CA GLN C 119 -8.48 -22.58 26.81
C GLN C 119 -8.80 -21.15 26.41
N VAL C 120 -10.08 -20.88 26.20
CA VAL C 120 -10.55 -19.53 25.91
C VAL C 120 -11.58 -19.11 26.96
N THR C 121 -11.25 -18.07 27.72
CA THR C 121 -12.11 -17.61 28.80
C THR C 121 -12.56 -16.17 28.60
N VAL C 122 -13.83 -16.00 28.25
CA VAL C 122 -14.42 -14.66 28.15
C VAL C 122 -15.07 -14.29 29.48
N SER C 123 -14.49 -13.29 30.14
CA SER C 123 -14.90 -12.95 31.50
C SER C 123 -15.81 -11.73 31.56
N SER C 124 -16.77 -11.77 32.49
CA SER C 124 -17.68 -10.66 32.75
C SER C 124 -18.39 -10.18 31.51
N VAL D 5 14.12 -12.29 -18.89
CA VAL D 5 12.99 -11.95 -19.76
C VAL D 5 12.66 -13.17 -20.64
N GLY D 6 12.16 -14.21 -20.00
CA GLY D 6 11.82 -15.45 -20.69
C GLY D 6 11.86 -16.63 -19.74
N TYR D 7 12.70 -16.53 -18.72
CA TYR D 7 12.80 -17.56 -17.69
C TYR D 7 12.71 -16.92 -16.31
N MET D 8 12.93 -15.62 -16.25
CA MET D 8 12.69 -14.85 -15.03
C MET D 8 11.32 -14.20 -15.10
N ASP D 9 10.39 -14.89 -15.74
CA ASP D 9 9.03 -14.39 -15.91
C ASP D 9 8.04 -15.29 -15.18
N PRO D 10 7.36 -14.75 -14.17
CA PRO D 10 6.37 -15.52 -13.38
C PRO D 10 5.21 -16.01 -14.24
N GLY D 11 4.95 -15.32 -15.34
CA GLY D 11 3.93 -15.75 -16.29
C GLY D 11 4.31 -17.05 -16.97
N ASN D 12 5.60 -17.21 -17.25
CA ASN D 12 6.10 -18.44 -17.85
C ASN D 12 6.03 -19.62 -16.88
N TRP D 13 6.41 -19.35 -15.64
CA TRP D 13 6.47 -20.39 -14.62
C TRP D 13 5.10 -20.97 -14.31
N ILE D 14 4.15 -20.09 -14.00
CA ILE D 14 2.83 -20.51 -13.54
C ILE D 14 2.03 -21.22 -14.62
N THR D 15 2.31 -20.92 -15.89
CA THR D 15 1.59 -21.53 -16.99
C THR D 15 2.19 -22.89 -17.36
N SER D 16 3.52 -22.94 -17.38
CA SER D 16 4.23 -24.18 -17.72
C SER D 16 4.07 -25.23 -16.62
N MET D 17 4.18 -24.79 -15.37
CA MET D 17 4.13 -25.70 -14.23
C MET D 17 2.74 -26.26 -14.00
N GLN D 18 1.72 -25.44 -14.19
CA GLN D 18 0.34 -25.88 -14.04
C GLN D 18 -0.14 -26.62 -15.29
N GLY D 19 0.60 -26.46 -16.37
CA GLY D 19 0.27 -27.14 -17.62
C GLY D 19 0.68 -28.60 -17.56
N GLY D 20 1.60 -28.90 -16.66
CA GLY D 20 2.09 -30.25 -16.48
C GLY D 20 1.47 -30.91 -15.26
N ALA D 21 1.24 -30.13 -14.22
CA ALA D 21 0.68 -30.63 -12.98
C ALA D 21 -0.77 -31.07 -13.13
N GLN D 22 -1.41 -30.63 -14.22
CA GLN D 22 -2.81 -30.95 -14.44
C GLN D 22 -3.02 -31.85 -15.65
N TYR D 23 -2.15 -31.70 -16.65
CA TYR D 23 -2.34 -32.40 -17.93
C TYR D 23 -1.08 -33.11 -18.42
N GLY D 24 -0.11 -33.30 -17.53
CA GLY D 24 1.09 -34.04 -17.87
C GLY D 24 1.96 -33.41 -18.94
N TYR D 25 2.50 -34.25 -19.82
CA TYR D 25 3.43 -33.80 -20.86
C TYR D 25 2.71 -33.40 -22.14
N THR D 26 1.39 -33.26 -22.06
CA THR D 26 0.56 -32.95 -23.22
C THR D 26 0.92 -31.61 -23.86
N LEU D 27 1.08 -30.58 -23.03
CA LEU D 27 1.30 -29.22 -23.50
C LEU D 27 2.75 -28.92 -23.89
N LEU D 28 3.57 -29.96 -24.01
CA LEU D 28 4.96 -29.77 -24.42
C LEU D 28 5.04 -29.37 -25.89
N PHE D 29 4.04 -29.75 -26.67
CA PHE D 29 3.95 -29.35 -28.06
C PHE D 29 3.70 -27.85 -28.17
N VAL D 30 2.76 -27.36 -27.37
CA VAL D 30 2.39 -25.95 -27.37
C VAL D 30 3.59 -25.09 -27.01
N ILE D 31 4.43 -25.58 -26.10
CA ILE D 31 5.65 -24.89 -25.73
C ILE D 31 6.60 -24.80 -26.92
N LEU D 32 6.74 -25.92 -27.63
CA LEU D 32 7.65 -26.00 -28.77
C LEU D 32 7.19 -25.14 -29.95
N ILE D 33 5.93 -25.29 -30.34
CA ILE D 33 5.41 -24.58 -31.51
C ILE D 33 5.33 -23.08 -31.27
N SER D 34 5.17 -22.67 -30.01
CA SER D 34 5.10 -21.26 -29.67
C SER D 34 6.50 -20.66 -29.57
N SER D 35 7.45 -21.47 -29.14
CA SER D 35 8.84 -21.00 -29.03
C SER D 35 9.45 -20.77 -30.40
N LEU D 36 9.09 -21.61 -31.37
CA LEU D 36 9.53 -21.42 -32.75
C LEU D 36 8.76 -20.29 -33.41
N ALA D 37 7.48 -20.17 -33.08
CA ALA D 37 6.67 -19.07 -33.58
C ALA D 37 7.22 -17.76 -33.04
N ALA D 38 7.68 -17.79 -31.80
CA ALA D 38 8.32 -16.63 -31.19
C ALA D 38 9.61 -16.28 -31.91
N MET D 39 10.40 -17.30 -32.23
CA MET D 39 11.67 -17.13 -32.93
C MET D 39 11.49 -16.45 -34.28
N LEU D 40 10.49 -16.93 -35.01
CA LEU D 40 10.22 -16.44 -36.36
C LEU D 40 9.61 -15.05 -36.36
N LEU D 41 8.67 -14.80 -35.44
CA LEU D 41 8.00 -13.50 -35.37
C LEU D 41 8.95 -12.41 -34.86
N GLN D 42 9.89 -12.80 -34.01
CA GLN D 42 10.84 -11.86 -33.46
C GLN D 42 11.84 -11.42 -34.53
N SER D 43 12.15 -12.32 -35.46
CA SER D 43 13.07 -12.03 -36.54
C SER D 43 12.45 -11.05 -37.54
N MET D 44 11.12 -11.05 -37.63
CA MET D 44 10.40 -10.15 -38.52
C MET D 44 10.45 -8.71 -38.01
N THR D 45 10.30 -8.54 -36.70
CA THR D 45 10.36 -7.22 -36.08
C THR D 45 11.76 -6.65 -36.19
N VAL D 46 12.76 -7.50 -35.98
CA VAL D 46 14.16 -7.10 -36.13
C VAL D 46 14.42 -6.58 -37.53
N ARG D 47 13.95 -7.32 -38.53
CA ARG D 47 14.07 -6.88 -39.92
C ARG D 47 13.31 -5.58 -40.14
N LEU D 48 12.07 -5.55 -39.65
CA LEU D 48 11.22 -4.36 -39.75
C LEU D 48 11.93 -3.14 -39.16
N GLY D 49 12.58 -3.33 -38.03
CA GLY D 49 13.27 -2.25 -37.35
C GLY D 49 14.53 -1.79 -38.07
N ILE D 50 15.32 -2.75 -38.56
CA ILE D 50 16.58 -2.43 -39.20
C ILE D 50 16.39 -1.98 -40.65
N ALA D 51 15.46 -2.61 -41.36
CA ALA D 51 15.18 -2.23 -42.75
C ALA D 51 14.50 -0.86 -42.79
N THR D 52 13.23 -0.80 -42.39
CA THR D 52 12.51 0.47 -42.33
C THR D 52 13.09 1.36 -41.24
N GLY D 53 12.78 2.65 -41.34
CA GLY D 53 13.31 3.65 -40.43
C GLY D 53 13.19 3.33 -38.95
N LYS D 54 11.98 3.05 -38.49
CA LYS D 54 11.75 2.83 -37.07
C LYS D 54 10.84 1.63 -36.79
N ASP D 55 10.31 1.56 -35.57
CA ASP D 55 9.68 0.34 -35.06
C ASP D 55 8.23 0.12 -35.51
N LEU D 56 7.59 -0.86 -34.89
CA LEU D 56 6.24 -1.29 -35.24
C LEU D 56 5.18 -0.32 -34.74
N ALA D 57 5.41 0.26 -33.57
CA ALA D 57 4.46 1.18 -32.97
C ALA D 57 4.22 2.37 -33.90
N GLN D 58 5.29 2.93 -34.43
CA GLN D 58 5.20 4.04 -35.37
C GLN D 58 4.67 3.57 -36.72
N MET D 59 5.03 2.34 -37.10
CA MET D 59 4.58 1.77 -38.37
C MET D 59 3.08 1.55 -38.41
N THR D 60 2.52 1.02 -37.33
CA THR D 60 1.09 0.77 -37.24
C THR D 60 0.32 2.09 -37.26
N ARG D 61 0.91 3.10 -36.62
CA ARG D 61 0.32 4.44 -36.57
C ARG D 61 0.30 5.08 -37.95
N HIS D 62 1.33 4.78 -38.73
CA HIS D 62 1.51 5.39 -40.05
C HIS D 62 0.45 4.90 -41.04
N PHE D 63 -0.21 3.80 -40.70
CA PHE D 63 -1.23 3.21 -41.56
C PHE D 63 -2.65 3.47 -41.05
N LEU D 64 -2.76 3.74 -39.75
CA LEU D 64 -4.08 3.91 -39.13
C LEU D 64 -4.45 5.37 -38.92
N SER D 65 -5.75 5.64 -38.91
CA SER D 65 -6.28 6.94 -38.52
C SER D 65 -6.31 7.06 -37.01
N LYS D 66 -6.35 8.28 -36.49
CA LYS D 66 -6.32 8.54 -35.06
C LYS D 66 -7.35 7.74 -34.22
N PRO D 67 -8.59 7.59 -34.71
CA PRO D 67 -9.53 6.77 -33.94
C PRO D 67 -9.10 5.31 -33.77
N VAL D 68 -8.75 4.65 -34.86
CA VAL D 68 -8.37 3.25 -34.82
C VAL D 68 -6.93 3.07 -34.30
N ALA D 69 -6.16 4.15 -34.28
CA ALA D 69 -4.79 4.09 -33.79
C ALA D 69 -4.71 4.03 -32.26
N ILE D 70 -5.71 4.61 -31.59
CA ILE D 70 -5.74 4.57 -30.14
C ILE D 70 -6.30 3.23 -29.66
N ILE D 71 -7.25 2.68 -30.40
CA ILE D 71 -7.81 1.37 -30.11
C ILE D 71 -6.72 0.32 -30.11
N PHE D 72 -5.81 0.42 -31.08
CA PHE D 72 -4.64 -0.43 -31.13
C PHE D 72 -3.72 -0.16 -29.95
N TRP D 73 -3.62 1.11 -29.56
CA TRP D 73 -2.78 1.50 -28.43
C TRP D 73 -3.32 0.98 -27.11
N ILE D 74 -4.64 1.05 -26.93
CA ILE D 74 -5.27 0.58 -25.71
C ILE D 74 -5.00 -0.92 -25.51
N ILE D 75 -5.28 -1.70 -26.55
CA ILE D 75 -5.04 -3.14 -26.51
C ILE D 75 -3.57 -3.43 -26.22
N ALA D 76 -2.69 -2.64 -26.80
CA ALA D 76 -1.26 -2.80 -26.59
C ALA D 76 -0.87 -2.40 -25.16
N GLU D 77 -1.39 -1.26 -24.70
CA GLU D 77 -1.09 -0.78 -23.36
C GLU D 77 -1.65 -1.72 -22.29
N LEU D 78 -2.80 -2.32 -22.58
CA LEU D 78 -3.40 -3.29 -21.66
C LEU D 78 -2.52 -4.54 -21.55
N ALA D 79 -1.90 -4.90 -22.67
CA ALA D 79 -0.99 -6.04 -22.68
C ALA D 79 0.23 -5.75 -21.82
N ILE D 80 0.61 -4.48 -21.75
CA ILE D 80 1.72 -4.04 -20.92
C ILE D 80 1.31 -4.04 -19.46
N ILE D 81 0.09 -3.62 -19.18
CA ILE D 81 -0.47 -3.65 -17.83
C ILE D 81 -0.65 -5.09 -17.37
N ALA D 82 -1.14 -5.94 -18.27
CA ALA D 82 -1.35 -7.36 -17.97
C ALA D 82 -0.04 -8.02 -17.58
N THR D 83 1.04 -7.61 -18.22
CA THR D 83 2.37 -8.12 -17.91
C THR D 83 2.82 -7.64 -16.54
N ASP D 84 2.48 -6.40 -16.21
CA ASP D 84 2.84 -5.81 -14.93
C ASP D 84 2.08 -6.48 -13.79
N ILE D 85 0.83 -6.87 -14.06
CA ILE D 85 0.00 -7.59 -13.10
C ILE D 85 0.69 -8.89 -12.70
N ALA D 86 1.33 -9.55 -13.66
CA ALA D 86 2.04 -10.79 -13.43
C ALA D 86 3.14 -10.63 -12.40
N GLU D 87 3.82 -9.49 -12.43
CA GLU D 87 4.88 -9.21 -11.47
C GLU D 87 4.34 -8.90 -10.08
N VAL D 88 3.28 -8.11 -10.03
CA VAL D 88 2.66 -7.73 -8.77
C VAL D 88 2.24 -8.96 -7.99
N ILE D 89 1.57 -9.88 -8.67
CA ILE D 89 1.16 -11.14 -8.07
C ILE D 89 2.38 -11.98 -7.69
N GLY D 90 3.36 -12.02 -8.58
CA GLY D 90 4.58 -12.76 -8.35
C GLY D 90 5.36 -12.25 -7.16
N SER D 91 5.44 -10.93 -7.03
CA SER D 91 6.16 -10.30 -5.93
C SER D 91 5.39 -10.40 -4.62
N ALA D 92 4.07 -10.26 -4.71
CA ALA D 92 3.21 -10.35 -3.52
C ALA D 92 3.28 -11.74 -2.90
N ILE D 93 3.24 -12.76 -3.74
CA ILE D 93 3.35 -14.14 -3.29
C ILE D 93 4.72 -14.36 -2.64
N ALA D 94 5.75 -13.83 -3.27
CA ALA D 94 7.12 -13.95 -2.77
C ALA D 94 7.25 -13.32 -1.38
N LEU D 95 6.67 -12.13 -1.22
CA LEU D 95 6.71 -11.43 0.06
C LEU D 95 5.88 -12.16 1.11
N ASP D 96 4.90 -12.94 0.64
CA ASP D 96 4.05 -13.71 1.54
C ASP D 96 4.79 -14.95 2.03
N LEU D 97 5.59 -15.55 1.16
CA LEU D 97 6.36 -16.74 1.49
C LEU D 97 7.56 -16.43 2.36
N ILE D 98 8.24 -15.32 2.05
CA ILE D 98 9.48 -14.97 2.75
C ILE D 98 9.24 -14.24 4.07
N PHE D 99 8.46 -13.17 4.02
CA PHE D 99 8.30 -12.31 5.19
C PHE D 99 6.95 -12.48 5.89
N GLY D 100 6.04 -13.19 5.25
CA GLY D 100 4.72 -13.42 5.82
C GLY D 100 3.79 -12.23 5.65
N ILE D 101 4.12 -11.36 4.70
CA ILE D 101 3.28 -10.21 4.39
C ILE D 101 2.11 -10.64 3.51
N PRO D 102 0.87 -10.45 4.01
CA PRO D 102 -0.34 -10.84 3.28
C PRO D 102 -0.40 -10.23 1.88
N LEU D 103 -1.02 -10.96 0.95
CA LEU D 103 -1.08 -10.55 -0.45
C LEU D 103 -1.70 -9.16 -0.63
N ILE D 104 -2.69 -8.85 0.19
CA ILE D 104 -3.39 -7.57 0.10
C ILE D 104 -2.45 -6.42 0.49
N VAL D 105 -1.52 -6.69 1.38
CA VAL D 105 -0.55 -5.69 1.82
C VAL D 105 0.65 -5.69 0.88
N GLY D 106 1.06 -6.88 0.46
CA GLY D 106 2.18 -7.04 -0.46
C GLY D 106 1.95 -6.32 -1.77
N ALA D 107 0.72 -6.38 -2.27
CA ALA D 107 0.36 -5.72 -3.52
C ALA D 107 0.48 -4.21 -3.40
N LEU D 108 0.23 -3.69 -2.20
CA LEU D 108 0.34 -2.24 -1.95
C LEU D 108 1.80 -1.80 -1.95
N ILE D 109 2.68 -2.69 -1.49
CA ILE D 109 4.11 -2.40 -1.41
C ILE D 109 4.73 -2.34 -2.81
N THR D 110 4.13 -3.04 -3.76
CA THR D 110 4.68 -3.14 -5.11
C THR D 110 4.68 -1.80 -5.84
N VAL D 111 3.93 -0.84 -5.33
CA VAL D 111 3.98 0.52 -5.86
C VAL D 111 5.34 1.14 -5.56
N PHE D 112 5.87 0.82 -4.38
CA PHE D 112 7.13 1.38 -3.93
C PHE D 112 8.31 0.41 -4.04
N ASP D 113 8.12 -0.69 -4.74
CA ASP D 113 9.25 -1.58 -5.04
C ASP D 113 10.13 -0.89 -6.07
N VAL D 114 9.49 -0.03 -6.86
CA VAL D 114 10.16 0.92 -7.75
C VAL D 114 11.24 1.69 -7.00
N PHE D 115 10.90 2.09 -5.78
CA PHE D 115 11.77 2.86 -4.93
C PHE D 115 12.91 2.00 -4.35
N LEU D 116 12.65 0.71 -4.22
CA LEU D 116 13.64 -0.21 -3.64
C LEU D 116 14.81 -0.50 -4.59
N LEU D 117 14.55 -0.47 -5.89
CA LEU D 117 15.61 -0.73 -6.86
C LEU D 117 16.54 0.47 -6.93
N LEU D 118 16.09 1.59 -6.38
CA LEU D 118 16.96 2.77 -6.29
C LEU D 118 17.88 2.63 -5.09
N PHE D 119 17.48 1.79 -4.13
CA PHE D 119 18.33 1.44 -3.00
C PHE D 119 19.38 0.39 -3.40
N ILE D 120 19.00 -0.48 -4.34
CA ILE D 120 19.92 -1.48 -4.87
C ILE D 120 20.84 -0.86 -5.92
N MET D 121 20.41 0.25 -6.49
CA MET D 121 21.14 0.91 -7.57
C MET D 121 22.58 1.23 -7.20
N ARG D 122 22.78 1.86 -6.04
CA ARG D 122 24.14 2.15 -5.58
C ARG D 122 24.65 1.07 -4.64
N PHE D 123 24.85 -0.12 -5.20
CA PHE D 123 25.47 -1.23 -4.49
C PHE D 123 26.05 -2.16 -5.55
N GLY D 124 26.08 -1.66 -6.78
CA GLY D 124 26.59 -2.40 -7.91
C GLY D 124 25.49 -3.10 -8.67
N PHE D 125 25.28 -2.71 -9.92
CA PHE D 125 24.29 -3.36 -10.78
C PHE D 125 24.86 -4.64 -11.35
N ARG D 126 26.18 -4.77 -11.26
CA ARG D 126 26.88 -5.96 -11.73
C ARG D 126 27.08 -6.86 -10.52
N LYS D 127 27.32 -6.24 -9.38
CA LYS D 127 27.48 -6.94 -8.10
C LYS D 127 26.28 -7.84 -7.79
N ILE D 128 25.08 -7.28 -7.95
CA ILE D 128 23.85 -7.99 -7.60
C ILE D 128 23.44 -9.03 -8.63
N GLU D 129 23.70 -8.75 -9.90
CA GLU D 129 23.29 -9.65 -10.98
C GLU D 129 24.05 -10.97 -10.87
N ALA D 130 25.24 -10.90 -10.29
CA ALA D 130 26.02 -12.11 -10.01
C ALA D 130 25.34 -12.93 -8.91
N ILE D 131 24.78 -12.24 -7.93
CA ILE D 131 24.05 -12.88 -6.85
C ILE D 131 22.75 -13.50 -7.36
N VAL D 132 22.01 -12.73 -8.15
CA VAL D 132 20.78 -13.20 -8.77
C VAL D 132 21.06 -14.37 -9.70
N GLY D 133 22.17 -14.28 -10.44
CA GLY D 133 22.57 -15.32 -11.36
C GLY D 133 22.80 -16.65 -10.70
N THR D 134 23.54 -16.65 -9.59
CA THR D 134 23.79 -17.86 -8.82
C THR D 134 22.49 -18.36 -8.20
N LEU D 135 21.65 -17.43 -7.76
CA LEU D 135 20.35 -17.76 -7.19
C LEU D 135 19.49 -18.51 -8.20
N ILE D 136 19.35 -17.94 -9.40
CA ILE D 136 18.59 -18.56 -10.47
C ILE D 136 19.17 -19.93 -10.83
N PHE D 137 20.50 -19.98 -10.97
CA PHE D 137 21.18 -21.22 -11.32
C PHE D 137 20.97 -22.29 -10.25
N THR D 138 21.05 -21.89 -8.99
CA THR D 138 20.86 -22.82 -7.88
C THR D 138 19.44 -23.36 -7.88
N VAL D 139 18.46 -22.47 -8.04
CA VAL D 139 17.05 -22.86 -8.06
C VAL D 139 16.76 -23.80 -9.23
N LEU D 140 17.29 -23.50 -10.40
CA LEU D 140 17.13 -24.38 -11.57
C LEU D 140 17.88 -25.69 -11.36
N ALA D 141 18.98 -25.65 -10.61
CA ALA D 141 19.71 -26.86 -10.27
C ALA D 141 18.85 -27.76 -9.40
N ILE D 142 18.12 -27.12 -8.47
CA ILE D 142 17.15 -27.83 -7.63
C ILE D 142 16.05 -28.42 -8.50
N PHE D 143 15.54 -27.61 -9.42
CA PHE D 143 14.47 -28.03 -10.33
C PHE D 143 14.88 -29.23 -11.18
N VAL D 144 16.11 -29.20 -11.68
CA VAL D 144 16.65 -30.31 -12.44
C VAL D 144 16.77 -31.54 -11.54
N PHE D 145 17.27 -31.33 -10.32
CA PHE D 145 17.40 -32.40 -9.35
C PHE D 145 16.05 -32.97 -8.94
N GLU D 146 15.03 -32.10 -8.90
CA GLU D 146 13.69 -32.51 -8.49
C GLU D 146 12.94 -33.22 -9.62
N VAL D 147 13.68 -33.88 -10.51
CA VAL D 147 13.06 -34.63 -11.59
C VAL D 147 13.44 -36.11 -11.50
N PHE D 148 12.56 -36.88 -10.89
CA PHE D 148 12.71 -38.33 -10.79
C PHE D 148 11.50 -38.92 -11.51
N ILE D 149 11.37 -40.25 -11.48
CA ILE D 149 10.28 -41.00 -12.13
C ILE D 149 10.07 -40.58 -13.59
N SER D 150 11.16 -40.19 -14.25
CA SER D 150 11.09 -39.66 -15.60
C SER D 150 11.31 -40.71 -16.69
N SER D 151 10.23 -41.07 -17.38
CA SER D 151 10.31 -41.97 -18.52
C SER D 151 10.84 -41.23 -19.75
N PRO D 152 11.98 -41.68 -20.29
CA PRO D 152 12.71 -40.98 -21.36
C PRO D 152 11.95 -40.84 -22.68
N GLN D 153 10.74 -41.38 -22.78
CA GLN D 153 10.01 -41.34 -24.04
C GLN D 153 8.56 -40.88 -23.87
N LEU D 154 8.07 -40.94 -22.63
CA LEU D 154 6.72 -40.44 -22.34
C LEU D 154 6.68 -38.93 -22.53
N THR D 155 7.84 -38.29 -22.38
CA THR D 155 8.00 -36.89 -22.76
C THR D 155 7.79 -36.74 -24.26
N ASP D 156 8.67 -37.38 -25.03
CA ASP D 156 8.65 -37.29 -26.49
C ASP D 156 7.29 -37.61 -27.10
N ILE D 157 6.62 -38.62 -26.57
CA ILE D 157 5.37 -39.11 -27.14
C ILE D 157 4.30 -38.02 -27.20
N LEU D 158 4.51 -36.94 -26.45
CA LEU D 158 3.62 -35.78 -26.50
C LEU D 158 4.40 -34.49 -26.75
N ASN D 159 5.71 -34.53 -26.48
CA ASN D 159 6.58 -33.39 -26.76
C ASN D 159 6.81 -33.27 -28.26
N GLY D 160 6.29 -32.21 -28.86
CA GLY D 160 6.38 -32.01 -30.30
C GLY D 160 5.44 -32.91 -31.06
N PHE D 161 5.45 -34.19 -30.73
CA PHE D 161 4.53 -35.15 -31.31
C PHE D 161 3.12 -34.82 -30.83
N VAL D 162 2.48 -33.89 -31.51
CA VAL D 162 1.26 -33.26 -31.02
C VAL D 162 0.12 -34.25 -30.84
N PRO D 163 -0.54 -34.18 -29.67
CA PRO D 163 -1.77 -34.94 -29.45
C PRO D 163 -2.99 -34.11 -29.83
N HIS D 164 -3.06 -33.70 -31.08
CA HIS D 164 -4.07 -32.71 -31.48
C HIS D 164 -5.45 -33.33 -31.44
N LYS D 165 -5.99 -33.38 -30.23
CA LYS D 165 -7.32 -33.90 -30.00
C LYS D 165 -7.92 -33.16 -28.81
N GLU D 166 -7.26 -33.23 -27.66
CA GLU D 166 -7.74 -32.59 -26.44
C GLU D 166 -7.35 -31.13 -26.26
N ILE D 167 -6.16 -30.75 -26.74
CA ILE D 167 -5.64 -29.39 -26.54
C ILE D 167 -6.56 -28.29 -27.05
N VAL D 168 -7.41 -28.63 -28.02
CA VAL D 168 -8.35 -27.66 -28.56
C VAL D 168 -9.78 -28.04 -28.15
N THR D 169 -9.96 -29.25 -27.66
CA THR D 169 -11.29 -29.75 -27.29
C THR D 169 -11.80 -29.10 -26.01
N ASN D 170 -11.35 -29.61 -24.86
CA ASN D 170 -11.82 -29.08 -23.58
C ASN D 170 -11.18 -27.74 -23.26
N GLN D 171 -11.91 -26.90 -22.54
CA GLN D 171 -11.46 -25.56 -22.22
C GLN D 171 -10.21 -25.57 -21.34
N GLY D 172 -10.13 -26.58 -20.46
CA GLY D 172 -9.05 -26.68 -19.50
C GLY D 172 -7.66 -26.64 -20.11
N ILE D 173 -7.39 -27.56 -21.04
CA ILE D 173 -6.10 -27.61 -21.71
C ILE D 173 -5.94 -26.43 -22.65
N LEU D 174 -7.05 -26.05 -23.30
CA LEU D 174 -7.05 -24.92 -24.23
C LEU D 174 -6.70 -23.61 -23.54
N TYR D 175 -7.19 -23.45 -22.32
CA TYR D 175 -6.97 -22.23 -21.54
C TYR D 175 -5.48 -22.00 -21.25
N ILE D 176 -4.83 -23.03 -20.70
CA ILE D 176 -3.41 -22.94 -20.38
C ILE D 176 -2.55 -22.86 -21.63
N ALA D 177 -2.96 -23.56 -22.69
CA ALA D 177 -2.25 -23.53 -23.96
C ALA D 177 -2.13 -22.10 -24.48
N LEU D 178 -3.22 -21.36 -24.35
CA LEU D 178 -3.25 -19.96 -24.75
C LEU D 178 -2.34 -19.12 -23.84
N GLY D 179 -2.31 -19.48 -22.56
CA GLY D 179 -1.48 -18.79 -21.60
C GLY D 179 0.00 -19.04 -21.84
N ILE D 180 0.33 -20.27 -22.22
CA ILE D 180 1.72 -20.65 -22.49
C ILE D 180 2.29 -19.85 -23.67
N ILE D 181 1.50 -19.77 -24.74
CA ILE D 181 1.91 -19.06 -25.94
C ILE D 181 2.01 -17.55 -25.70
N GLY D 182 1.01 -17.01 -25.00
CA GLY D 182 0.97 -15.60 -24.68
C GLY D 182 2.13 -15.18 -23.79
N ALA D 183 2.66 -16.12 -23.02
CA ALA D 183 3.77 -15.84 -22.13
C ALA D 183 5.12 -15.96 -22.85
N THR D 184 5.13 -16.77 -23.91
CA THR D 184 6.35 -16.97 -24.69
C THR D 184 6.41 -15.99 -25.85
N ILE D 185 5.25 -15.63 -26.38
CA ILE D 185 5.15 -14.63 -27.44
C ILE D 185 4.47 -13.38 -26.90
N MET D 186 5.22 -12.62 -26.11
CA MET D 186 4.69 -11.42 -25.47
C MET D 186 4.61 -10.25 -26.46
N PRO D 187 3.41 -9.71 -26.65
CA PRO D 187 3.12 -8.65 -27.62
C PRO D 187 3.95 -7.39 -27.41
N HIS D 188 4.38 -7.12 -26.19
CA HIS D 188 5.14 -5.90 -25.89
C HIS D 188 6.60 -6.05 -26.29
N ASN D 189 7.04 -7.29 -26.50
CA ASN D 189 8.40 -7.56 -26.96
C ASN D 189 8.54 -7.29 -28.45
N LEU D 190 7.42 -7.37 -29.17
CA LEU D 190 7.41 -7.09 -30.60
C LEU D 190 7.67 -5.60 -30.86
N TYR D 191 7.04 -4.76 -30.05
CA TYR D 191 7.23 -3.31 -30.16
C TYR D 191 8.58 -2.90 -29.62
N LEU D 192 9.09 -3.65 -28.64
CA LEU D 192 10.34 -3.33 -27.97
C LEU D 192 11.57 -3.67 -28.82
N HIS D 193 11.60 -4.89 -29.34
CA HIS D 193 12.75 -5.37 -30.10
C HIS D 193 12.90 -4.69 -31.45
N SER D 194 11.82 -4.10 -31.94
CA SER D 194 11.83 -3.44 -33.24
C SER D 194 12.44 -2.04 -33.16
N SER D 195 12.94 -1.67 -31.99
CA SER D 195 13.52 -0.35 -31.80
C SER D 195 14.92 -0.40 -31.18
N ILE D 196 15.15 -1.33 -30.26
CA ILE D 196 16.43 -1.42 -29.57
C ILE D 196 17.53 -2.04 -30.42
N VAL D 197 17.15 -2.79 -31.45
CA VAL D 197 18.14 -3.40 -32.34
C VAL D 197 18.63 -2.36 -33.35
N GLN D 198 17.99 -1.20 -33.33
CA GLN D 198 18.40 -0.10 -34.20
C GLN D 198 19.46 0.73 -33.51
N SER D 199 19.91 0.27 -32.35
CA SER D 199 20.98 0.96 -31.62
C SER D 199 22.32 0.31 -31.94
N ARG D 200 22.27 -0.85 -32.58
CA ARG D 200 23.46 -1.57 -32.99
C ARG D 200 24.14 -0.90 -34.19
N LYS D 201 25.28 -1.44 -34.60
CA LYS D 201 26.13 -0.81 -35.61
C LYS D 201 25.76 -1.12 -37.07
N TYR D 202 25.19 -0.12 -37.74
CA TYR D 202 24.98 -0.16 -39.19
C TYR D 202 24.65 1.23 -39.72
N ASP D 203 24.89 1.46 -41.01
CA ASP D 203 24.58 2.72 -41.63
C ASP D 203 23.07 2.89 -41.80
N ARG D 204 22.56 4.03 -41.33
CA ARG D 204 21.13 4.30 -41.35
C ARG D 204 20.66 4.49 -42.78
N HIS D 205 21.18 5.53 -43.43
CA HIS D 205 20.73 6.00 -44.72
C HIS D 205 21.13 5.12 -45.92
N ASP D 206 22.43 4.97 -46.13
CA ASP D 206 22.97 4.43 -47.38
C ASP D 206 23.16 2.91 -47.53
N ASN D 207 23.64 2.24 -46.49
CA ASN D 207 24.12 0.86 -46.64
C ASN D 207 23.11 -0.30 -46.57
N GLU D 208 23.25 -1.21 -47.53
CA GLU D 208 22.47 -2.45 -47.57
C GLU D 208 23.07 -3.58 -46.72
N GLU D 209 24.32 -3.41 -46.29
CA GLU D 209 25.00 -4.39 -45.42
C GLU D 209 24.51 -4.38 -43.96
N LYS D 210 23.37 -3.76 -43.70
CA LYS D 210 22.74 -3.85 -42.38
C LYS D 210 22.04 -5.19 -42.19
N ALA D 211 22.09 -6.03 -43.22
CA ALA D 211 21.63 -7.41 -43.12
C ALA D 211 22.53 -8.17 -42.15
N GLN D 212 23.76 -7.69 -42.00
CA GLN D 212 24.69 -8.22 -41.01
C GLN D 212 24.18 -7.91 -39.61
N ALA D 213 23.59 -6.74 -39.44
CA ALA D 213 23.00 -6.34 -38.16
C ALA D 213 21.78 -7.22 -37.88
N ILE D 214 21.03 -7.54 -38.92
CA ILE D 214 19.90 -8.46 -38.80
C ILE D 214 20.41 -9.85 -38.47
N LYS D 215 21.55 -10.21 -39.03
CA LYS D 215 22.17 -11.52 -38.81
C LYS D 215 22.47 -11.77 -37.33
N TYR D 216 23.23 -10.87 -36.72
CA TYR D 216 23.57 -10.98 -35.30
C TYR D 216 22.33 -10.95 -34.41
N ALA D 217 21.43 -10.00 -34.68
CA ALA D 217 20.25 -9.79 -33.86
C ALA D 217 19.30 -10.98 -33.87
N THR D 218 19.16 -11.63 -35.02
CA THR D 218 18.28 -12.78 -35.14
C THR D 218 18.84 -14.01 -34.44
N ILE D 219 20.16 -14.20 -34.55
CA ILE D 219 20.83 -15.31 -33.88
C ILE D 219 20.74 -15.11 -32.37
N ASP D 220 20.91 -13.87 -31.93
CA ASP D 220 20.75 -13.51 -30.53
C ASP D 220 19.30 -13.73 -30.11
N SER D 221 18.39 -13.51 -31.05
CA SER D 221 16.96 -13.66 -30.78
C SER D 221 16.55 -15.12 -30.65
N ASN D 222 17.42 -16.02 -31.11
CA ASN D 222 17.10 -17.45 -31.08
C ASN D 222 17.78 -18.22 -29.94
N LEU D 223 18.82 -17.64 -29.36
CA LEU D 223 19.58 -18.32 -28.30
C LEU D 223 18.80 -18.47 -26.99
N GLN D 224 18.48 -17.34 -26.35
CA GLN D 224 17.75 -17.38 -25.08
C GLN D 224 16.30 -17.85 -25.29
N LEU D 225 15.81 -17.70 -26.51
CA LEU D 225 14.47 -18.17 -26.84
C LEU D 225 14.52 -19.70 -26.84
N SER D 226 15.68 -20.25 -27.16
CA SER D 226 15.90 -21.68 -27.02
C SER D 226 16.02 -22.01 -25.54
N ILE D 227 16.71 -21.15 -24.80
CA ILE D 227 16.86 -21.32 -23.36
C ILE D 227 15.51 -21.21 -22.66
N ALA D 228 14.69 -20.27 -23.12
CA ALA D 228 13.33 -20.11 -22.60
C ALA D 228 12.53 -21.37 -22.86
N PHE D 229 12.76 -21.97 -24.03
CA PHE D 229 12.12 -23.23 -24.38
C PHE D 229 12.58 -24.35 -23.44
N VAL D 230 13.88 -24.38 -23.16
CA VAL D 230 14.44 -25.39 -22.27
C VAL D 230 13.86 -25.27 -20.86
N VAL D 231 13.82 -24.04 -20.35
CA VAL D 231 13.28 -23.78 -19.02
C VAL D 231 11.80 -24.12 -18.94
N ASN D 232 11.04 -23.71 -19.96
CA ASN D 232 9.61 -23.99 -20.01
C ASN D 232 9.33 -25.49 -20.04
N CYS D 233 10.16 -26.25 -20.73
CA CYS D 233 10.08 -27.70 -20.73
C CYS D 233 10.51 -28.24 -19.38
N LEU D 234 11.55 -27.62 -18.82
CA LEU D 234 12.07 -28.01 -17.52
C LEU D 234 11.06 -27.73 -16.42
N LEU D 235 10.28 -26.67 -16.59
CA LEU D 235 9.28 -26.28 -15.59
C LEU D 235 8.00 -27.09 -15.72
N LEU D 236 7.64 -27.43 -16.94
CA LEU D 236 6.47 -28.28 -17.17
C LEU D 236 6.75 -29.68 -16.66
N THR D 237 7.99 -30.12 -16.81
CA THR D 237 8.43 -31.41 -16.30
C THR D 237 8.30 -31.44 -14.78
N LEU D 238 8.67 -30.33 -14.14
CA LEU D 238 8.62 -30.20 -12.70
C LEU D 238 7.20 -30.35 -12.14
N GLY D 239 6.26 -29.60 -12.72
CA GLY D 239 4.88 -29.66 -12.30
C GLY D 239 4.25 -31.03 -12.49
N ALA D 240 4.55 -31.65 -13.62
CA ALA D 240 4.03 -32.98 -13.93
C ALA D 240 4.59 -34.02 -12.98
N ALA D 241 5.88 -33.88 -12.65
CA ALA D 241 6.55 -34.81 -11.75
C ALA D 241 5.98 -34.75 -10.34
N LEU D 242 5.76 -33.54 -9.84
CA LEU D 242 5.34 -33.35 -8.46
C LEU D 242 3.84 -33.56 -8.24
N PHE D 243 3.01 -33.00 -9.11
CA PHE D 243 1.59 -32.87 -8.82
C PHE D 243 0.64 -33.61 -9.76
N PHE D 244 1.14 -34.05 -10.91
CA PHE D 244 0.27 -34.73 -11.88
C PHE D 244 0.06 -36.19 -11.52
N GLY D 245 -1.16 -36.67 -11.73
CA GLY D 245 -1.50 -38.06 -11.44
C GLY D 245 -1.71 -38.27 -9.96
N THR D 246 -2.23 -37.26 -9.28
CA THR D 246 -2.47 -37.34 -7.84
C THR D 246 -3.95 -37.47 -7.53
N LYS D 247 -4.25 -38.01 -6.36
CA LYS D 247 -5.63 -38.23 -5.94
C LYS D 247 -6.32 -36.92 -5.60
N THR D 248 -5.54 -35.94 -5.15
CA THR D 248 -6.09 -34.66 -4.72
C THR D 248 -6.14 -33.62 -5.86
N ASN D 249 -5.44 -33.92 -6.95
CA ASN D 249 -5.39 -33.03 -8.11
C ASN D 249 -4.96 -31.62 -7.76
N ASP D 250 -3.71 -31.48 -7.30
CA ASP D 250 -3.16 -30.17 -6.98
C ASP D 250 -2.95 -29.35 -8.26
N LEU D 251 -3.36 -28.09 -8.22
CA LEU D 251 -3.27 -27.22 -9.40
C LEU D 251 -1.81 -26.96 -9.78
N GLY D 252 -0.95 -26.93 -8.77
CA GLY D 252 0.48 -26.78 -8.99
C GLY D 252 0.95 -25.35 -9.13
N GLY D 253 0.57 -24.49 -8.18
CA GLY D 253 0.98 -23.10 -8.19
C GLY D 253 2.32 -22.89 -7.52
N PHE D 254 2.63 -21.64 -7.21
CA PHE D 254 3.88 -21.30 -6.54
C PHE D 254 3.87 -21.80 -5.10
N TYR D 255 2.71 -21.78 -4.47
CA TYR D 255 2.57 -22.27 -3.11
C TYR D 255 2.76 -23.78 -3.04
N ASP D 256 2.23 -24.47 -4.05
CA ASP D 256 2.38 -25.92 -4.15
C ASP D 256 3.84 -26.30 -4.33
N LEU D 257 4.53 -25.58 -5.22
CA LEU D 257 5.94 -25.81 -5.47
C LEU D 257 6.78 -25.51 -4.23
N TYR D 258 6.34 -24.52 -3.47
CA TYR D 258 7.05 -24.11 -2.26
C TYR D 258 7.04 -25.21 -1.20
N HIS D 259 5.88 -25.82 -0.99
CA HIS D 259 5.72 -26.86 0.01
C HIS D 259 6.19 -28.22 -0.50
N ALA D 260 6.21 -28.38 -1.82
CA ALA D 260 6.73 -29.60 -2.42
C ALA D 260 8.24 -29.68 -2.18
N LEU D 261 8.91 -28.54 -2.33
CA LEU D 261 10.33 -28.44 -2.07
C LEU D 261 10.64 -28.54 -0.58
N LYS D 262 9.74 -28.01 0.23
CA LYS D 262 9.93 -27.94 1.67
C LYS D 262 9.64 -29.28 2.35
N THR D 263 8.87 -30.13 1.70
CA THR D 263 8.49 -31.41 2.28
C THR D 263 8.97 -32.61 1.47
N GLU D 264 9.94 -32.38 0.59
CA GLU D 264 10.53 -33.47 -0.18
C GLU D 264 11.34 -34.37 0.74
N PRO D 265 11.00 -35.68 0.76
CA PRO D 265 11.60 -36.67 1.67
C PRO D 265 13.12 -36.75 1.58
N VAL D 266 13.64 -37.04 0.39
CA VAL D 266 15.07 -37.18 0.19
C VAL D 266 15.81 -35.87 0.45
N LEU D 267 15.13 -34.76 0.18
CA LEU D 267 15.74 -33.43 0.30
C LEU D 267 15.90 -32.99 1.76
N GLY D 268 15.42 -33.81 2.68
CA GLY D 268 15.52 -33.50 4.10
C GLY D 268 14.51 -32.46 4.55
N ALA D 269 14.75 -31.88 5.73
CA ALA D 269 13.85 -30.88 6.28
C ALA D 269 14.48 -29.50 6.28
N THR D 270 15.62 -29.38 6.97
CA THR D 270 16.34 -28.11 7.04
C THR D 270 16.89 -27.71 5.67
N LEU D 271 17.37 -28.71 4.93
CA LEU D 271 17.90 -28.47 3.59
C LEU D 271 16.75 -28.08 2.65
N GLY D 272 15.63 -28.78 2.77
CA GLY D 272 14.46 -28.51 1.95
C GLY D 272 13.86 -27.14 2.21
N GLY D 273 14.08 -26.63 3.42
CA GLY D 273 13.61 -25.30 3.77
C GLY D 273 14.44 -24.24 3.07
N VAL D 274 15.71 -24.53 2.85
CA VAL D 274 16.59 -23.63 2.14
C VAL D 274 16.21 -23.52 0.67
N MET D 275 15.96 -24.67 0.04
CA MET D 275 15.61 -24.73 -1.38
C MET D 275 14.35 -23.92 -1.68
N SER D 276 13.34 -24.09 -0.82
CA SER D 276 12.08 -23.39 -0.98
C SER D 276 12.24 -21.88 -0.81
N THR D 277 13.13 -21.49 0.10
CA THR D 277 13.40 -20.08 0.36
C THR D 277 14.08 -19.43 -0.84
N LEU D 278 15.07 -20.11 -1.40
CA LEU D 278 15.77 -19.61 -2.58
C LEU D 278 14.83 -19.43 -3.76
N PHE D 279 13.86 -20.34 -3.90
CA PHE D 279 12.86 -20.24 -4.95
C PHE D 279 11.99 -19.00 -4.77
N ALA D 280 11.67 -18.69 -3.50
CA ALA D 280 10.85 -17.54 -3.19
C ALA D 280 11.60 -16.23 -3.48
N VAL D 281 12.89 -16.22 -3.15
CA VAL D 281 13.73 -15.06 -3.46
C VAL D 281 13.91 -14.92 -4.96
N ALA D 282 14.00 -16.07 -5.64
CA ALA D 282 14.09 -16.09 -7.09
C ALA D 282 12.78 -15.60 -7.70
N LEU D 283 11.68 -15.91 -7.04
CA LEU D 283 10.36 -15.46 -7.46
C LEU D 283 10.25 -13.94 -7.32
N LEU D 284 10.82 -13.43 -6.24
CA LEU D 284 10.86 -11.98 -6.02
C LEU D 284 11.78 -11.32 -7.05
N ALA D 285 12.91 -11.97 -7.32
CA ALA D 285 13.89 -11.44 -8.26
C ALA D 285 13.33 -11.39 -9.69
N SER D 286 12.38 -12.27 -9.98
CA SER D 286 11.76 -12.33 -11.30
C SER D 286 10.96 -11.07 -11.61
N GLY D 287 10.60 -10.34 -10.57
CA GLY D 287 9.79 -9.14 -10.70
C GLY D 287 10.53 -7.90 -11.16
N GLN D 288 11.43 -7.40 -10.31
CA GLN D 288 12.08 -6.10 -10.52
C GLN D 288 12.86 -5.97 -11.84
N ASN D 289 13.19 -7.10 -12.45
CA ASN D 289 13.85 -7.09 -13.75
C ASN D 289 12.88 -6.92 -14.90
N SER D 290 11.67 -7.46 -14.73
CA SER D 290 10.66 -7.44 -15.79
C SER D 290 10.03 -6.07 -15.98
N THR D 291 9.95 -5.30 -14.90
CA THR D 291 9.26 -4.02 -14.91
C THR D 291 9.99 -2.88 -15.61
N ILE D 292 11.32 -2.93 -15.64
CA ILE D 292 12.08 -1.85 -16.27
C ILE D 292 12.03 -1.92 -17.80
N THR D 293 12.16 -3.13 -18.34
CA THR D 293 12.10 -3.33 -19.78
C THR D 293 10.68 -3.15 -20.30
N GLY D 294 9.70 -3.47 -19.46
CA GLY D 294 8.31 -3.32 -19.83
C GLY D 294 7.89 -1.85 -19.88
N THR D 295 8.55 -1.03 -19.06
CA THR D 295 8.29 0.40 -19.06
C THR D 295 8.90 1.02 -20.31
N LEU D 296 10.06 0.50 -20.71
CA LEU D 296 10.73 0.93 -21.92
C LEU D 296 9.87 0.56 -23.13
N ALA D 297 9.25 -0.62 -23.04
CA ALA D 297 8.33 -1.06 -24.09
C ALA D 297 7.09 -0.18 -24.09
N GLY D 298 6.70 0.28 -22.90
CA GLY D 298 5.55 1.15 -22.76
C GLY D 298 5.79 2.51 -23.38
N GLN D 299 7.03 2.98 -23.30
CA GLN D 299 7.42 4.25 -23.90
C GLN D 299 7.27 4.18 -25.41
N ILE D 300 7.71 3.07 -26.00
CA ILE D 300 7.66 2.87 -27.44
C ILE D 300 6.21 2.83 -27.95
N VAL D 301 5.38 2.09 -27.25
CA VAL D 301 3.97 1.94 -27.63
C VAL D 301 3.24 3.28 -27.63
N MET D 302 3.37 4.03 -26.54
CA MET D 302 2.66 5.30 -26.41
C MET D 302 3.17 6.36 -27.37
N GLU D 303 4.49 6.47 -27.50
CA GLU D 303 5.08 7.45 -28.42
C GLU D 303 4.85 7.06 -29.87
N GLY D 304 4.63 5.77 -30.11
CA GLY D 304 4.38 5.28 -31.45
C GLY D 304 2.96 5.55 -31.90
N PHE D 305 2.00 5.22 -31.05
CA PHE D 305 0.58 5.36 -31.39
C PHE D 305 0.03 6.74 -31.05
N LEU D 306 0.29 7.21 -29.84
CA LEU D 306 -0.27 8.48 -29.38
C LEU D 306 0.62 9.67 -29.68
N ARG D 307 1.90 9.39 -29.98
CA ARG D 307 2.90 10.43 -30.18
C ARG D 307 2.95 11.37 -28.98
N LEU D 308 2.89 10.77 -27.78
CA LEU D 308 2.88 11.51 -26.53
C LEU D 308 4.11 11.17 -25.71
N SER D 309 4.72 12.17 -25.07
CA SER D 309 5.95 11.96 -24.33
C SER D 309 5.82 12.31 -22.85
N ILE D 310 6.01 11.31 -21.99
CA ILE D 310 6.08 11.51 -20.55
C ILE D 310 7.29 10.75 -19.99
N PRO D 311 7.86 11.24 -18.89
CA PRO D 311 9.04 10.58 -18.29
C PRO D 311 8.77 9.13 -17.89
N ASN D 312 9.82 8.32 -17.88
CA ASN D 312 9.70 6.89 -17.60
C ASN D 312 9.20 6.59 -16.19
N TRP D 313 9.68 7.35 -15.21
CA TRP D 313 9.28 7.15 -13.82
C TRP D 313 7.79 7.42 -13.65
N LEU D 314 7.27 8.37 -14.42
CA LEU D 314 5.84 8.68 -14.40
C LEU D 314 5.05 7.55 -15.04
N ARG D 315 5.49 7.14 -16.22
CA ARG D 315 4.86 6.05 -16.97
C ARG D 315 4.91 4.76 -16.17
N ARG D 316 5.96 4.63 -15.37
CA ARG D 316 6.13 3.49 -14.47
C ARG D 316 5.10 3.51 -13.33
N LEU D 317 4.69 4.72 -12.93
CA LEU D 317 3.74 4.89 -11.83
C LEU D 317 2.32 4.52 -12.22
N ILE D 318 1.88 5.04 -13.35
CA ILE D 318 0.52 4.85 -13.84
C ILE D 318 0.24 3.38 -14.19
N THR D 319 1.18 2.76 -14.90
CA THR D 319 1.05 1.37 -15.32
C THR D 319 0.97 0.45 -14.10
N ARG D 320 1.82 0.71 -13.11
CA ARG D 320 1.83 -0.08 -11.89
C ARG D 320 0.55 0.12 -11.08
N SER D 321 0.12 1.37 -10.96
CA SER D 321 -1.08 1.70 -10.21
C SER D 321 -2.31 1.01 -10.79
N LEU D 322 -2.40 0.97 -12.12
CA LEU D 322 -3.52 0.32 -12.79
C LEU D 322 -3.41 -1.20 -12.70
N ALA D 323 -2.20 -1.69 -12.49
CA ALA D 323 -1.96 -3.13 -12.42
C ALA D 323 -2.28 -3.70 -11.04
N VAL D 324 -2.10 -2.88 -10.00
CA VAL D 324 -2.33 -3.31 -8.63
C VAL D 324 -3.83 -3.39 -8.32
N ILE D 325 -4.61 -2.51 -8.95
CA ILE D 325 -6.05 -2.43 -8.70
C ILE D 325 -6.80 -3.76 -8.91
N PRO D 326 -6.64 -4.42 -10.09
CA PRO D 326 -7.39 -5.67 -10.23
C PRO D 326 -6.86 -6.77 -9.30
N VAL D 327 -5.59 -6.67 -8.93
CA VAL D 327 -5.01 -7.61 -7.98
C VAL D 327 -5.69 -7.47 -6.63
N ILE D 328 -5.83 -6.23 -6.17
CA ILE D 328 -6.48 -5.94 -4.90
C ILE D 328 -7.95 -6.32 -4.94
N ILE D 329 -8.64 -5.93 -6.02
CA ILE D 329 -10.04 -6.27 -6.20
C ILE D 329 -10.24 -7.80 -6.14
N CYS D 330 -9.32 -8.52 -6.76
CA CYS D 330 -9.35 -9.98 -6.74
C CYS D 330 -9.17 -10.53 -5.33
N LEU D 331 -8.27 -9.92 -4.57
CA LEU D 331 -7.97 -10.36 -3.21
C LEU D 331 -9.10 -10.06 -2.24
N ILE D 332 -9.80 -8.94 -2.46
CA ILE D 332 -10.90 -8.55 -1.59
C ILE D 332 -12.12 -9.45 -1.81
N ILE D 333 -12.45 -9.70 -3.08
CA ILE D 333 -13.60 -10.51 -3.44
C ILE D 333 -13.49 -11.95 -2.91
N PHE D 334 -12.38 -12.61 -3.21
CA PHE D 334 -12.20 -14.00 -2.83
C PHE D 334 -11.49 -14.14 -1.48
N LYS D 335 -11.56 -13.07 -0.69
CA LYS D 335 -11.03 -13.06 0.68
C LYS D 335 -9.58 -13.53 0.77
N GLY D 336 -8.74 -13.04 -0.14
CA GLY D 336 -7.32 -13.31 -0.09
C GLY D 336 -6.94 -14.74 -0.44
N ASN D 337 -7.79 -15.42 -1.19
CA ASN D 337 -7.50 -16.79 -1.61
C ASN D 337 -6.29 -16.84 -2.54
N SER D 338 -5.29 -17.61 -2.14
CA SER D 338 -4.03 -17.67 -2.89
C SER D 338 -4.19 -18.39 -4.23
N GLU D 339 -5.07 -19.38 -4.27
CA GLU D 339 -5.31 -20.11 -5.51
C GLU D 339 -6.05 -19.25 -6.52
N LYS D 340 -6.78 -18.25 -6.02
CA LYS D 340 -7.56 -17.37 -6.88
C LYS D 340 -6.69 -16.26 -7.48
N ILE D 341 -5.71 -15.79 -6.71
CA ILE D 341 -4.82 -14.74 -7.19
C ILE D 341 -3.85 -15.32 -8.21
N GLU D 342 -3.67 -16.64 -8.18
CA GLU D 342 -2.84 -17.33 -9.15
C GLU D 342 -3.62 -17.58 -10.44
N GLN D 343 -4.94 -17.65 -10.33
CA GLN D 343 -5.80 -17.77 -11.51
C GLN D 343 -5.76 -16.46 -12.30
N LEU D 344 -5.66 -15.36 -11.58
CA LEU D 344 -5.51 -14.04 -12.18
C LEU D 344 -4.17 -13.96 -12.89
N LEU D 345 -3.15 -14.56 -12.28
CA LEU D 345 -1.81 -14.65 -12.85
C LEU D 345 -1.85 -15.36 -14.20
N VAL D 346 -2.46 -16.54 -14.20
CA VAL D 346 -2.62 -17.32 -15.43
C VAL D 346 -3.46 -16.56 -16.46
N PHE D 347 -4.52 -15.91 -16.00
CA PHE D 347 -5.42 -15.16 -16.88
C PHE D 347 -4.71 -13.98 -17.53
N SER D 348 -3.73 -13.42 -16.85
CA SER D 348 -2.97 -12.28 -17.36
C SER D 348 -2.18 -12.67 -18.60
N GLN D 349 -1.79 -13.95 -18.67
CA GLN D 349 -1.05 -14.47 -19.82
C GLN D 349 -2.01 -14.86 -20.93
N VAL D 350 -3.23 -15.23 -20.54
CA VAL D 350 -4.28 -15.57 -21.51
C VAL D 350 -4.79 -14.31 -22.20
N PHE D 351 -4.67 -13.17 -21.52
CA PHE D 351 -5.05 -11.90 -22.12
C PHE D 351 -4.03 -11.48 -23.17
N LEU D 352 -2.76 -11.80 -22.93
CA LEU D 352 -1.71 -11.54 -23.90
C LEU D 352 -1.98 -12.28 -25.20
N SER D 353 -2.72 -13.38 -25.08
CA SER D 353 -3.13 -14.16 -26.24
C SER D 353 -4.16 -13.40 -27.08
N ILE D 354 -5.09 -12.73 -26.40
CA ILE D 354 -6.15 -11.98 -27.05
C ILE D 354 -5.59 -10.76 -27.78
N ALA D 355 -4.54 -10.17 -27.22
CA ALA D 355 -3.97 -8.93 -27.74
C ALA D 355 -3.02 -9.15 -28.90
N LEU D 356 -2.60 -10.40 -29.11
CA LEU D 356 -1.62 -10.74 -30.13
C LEU D 356 -2.04 -10.45 -31.58
N PRO D 357 -3.28 -10.84 -31.99
CA PRO D 357 -3.65 -10.59 -33.39
C PRO D 357 -3.61 -9.11 -33.79
N PHE D 358 -3.85 -8.21 -32.83
CA PHE D 358 -3.85 -6.78 -33.10
C PHE D 358 -2.44 -6.22 -33.25
N SER D 359 -1.44 -7.08 -33.06
CA SER D 359 -0.04 -6.66 -33.20
C SER D 359 0.65 -7.43 -34.32
N LEU D 360 0.21 -8.66 -34.56
CA LEU D 360 0.81 -9.51 -35.57
C LEU D 360 0.43 -9.08 -36.98
N ILE D 361 -0.84 -8.68 -37.14
CA ILE D 361 -1.33 -8.26 -38.45
C ILE D 361 -0.64 -6.99 -38.99
N PRO D 362 -0.45 -5.96 -38.14
CA PRO D 362 0.32 -4.82 -38.66
C PRO D 362 1.76 -5.19 -39.03
N LEU D 363 2.35 -6.08 -38.24
CA LEU D 363 3.69 -6.58 -38.52
C LEU D 363 3.73 -7.32 -39.85
N GLN D 364 2.63 -7.97 -40.19
CA GLN D 364 2.52 -8.73 -41.43
C GLN D 364 2.50 -7.82 -42.64
N LEU D 365 1.70 -6.89 -42.44
CA LEU D 365 1.52 -5.95 -43.54
C LEU D 365 2.81 -5.22 -43.90
N ALA D 366 3.60 -4.88 -42.87
CA ALA D 366 4.87 -4.20 -43.08
C ALA D 366 5.90 -5.13 -43.70
N THR D 367 5.79 -6.41 -43.35
CA THR D 367 6.71 -7.44 -43.79
C THR D 367 6.40 -7.88 -45.22
N SER D 368 5.31 -7.35 -45.80
CA SER D 368 4.98 -7.69 -47.18
C SER D 368 4.88 -6.45 -48.08
N ASN D 369 5.85 -5.55 -47.98
CA ASN D 369 5.82 -4.34 -48.79
C ASN D 369 7.17 -3.74 -49.20
N LYS D 370 8.03 -3.44 -48.24
CA LYS D 370 9.17 -2.59 -48.53
C LYS D 370 10.55 -3.19 -48.33
N LYS D 371 10.93 -4.05 -49.28
CA LYS D 371 12.30 -4.52 -49.45
C LYS D 371 12.78 -5.42 -48.33
N LEU D 372 13.73 -6.31 -48.64
CA LEU D 372 14.39 -7.11 -47.61
C LEU D 372 13.39 -7.96 -46.81
N MET D 373 12.17 -8.06 -47.29
CA MET D 373 11.10 -8.74 -46.57
C MET D 373 10.96 -10.20 -46.99
N GLY D 374 10.28 -10.98 -46.16
CA GLY D 374 10.29 -12.42 -46.27
C GLY D 374 9.59 -13.06 -47.45
N PRO D 375 10.13 -14.21 -47.91
CA PRO D 375 9.67 -15.02 -49.04
C PRO D 375 8.34 -15.71 -48.80
N PHE D 376 8.21 -16.46 -47.70
CA PHE D 376 6.97 -17.12 -47.41
C PHE D 376 6.25 -16.41 -46.25
N ILE D 377 5.17 -15.71 -46.58
CA ILE D 377 4.30 -15.11 -45.59
C ILE D 377 3.26 -16.18 -45.20
N ASN D 378 3.42 -17.35 -45.81
CA ASN D 378 2.53 -18.49 -45.61
C ASN D 378 2.59 -19.01 -44.18
N LYS D 379 3.74 -19.16 -43.68
CA LYS D 379 3.83 -19.73 -42.34
C LYS D 379 3.38 -18.76 -41.25
N THR D 380 3.27 -17.48 -41.59
CA THR D 380 2.93 -16.47 -40.58
C THR D 380 1.46 -16.11 -40.61
N TRP D 381 0.83 -16.35 -41.76
CA TRP D 381 -0.58 -16.03 -41.91
C TRP D 381 -1.40 -17.17 -41.33
N VAL D 382 -0.91 -18.39 -41.50
CA VAL D 382 -1.59 -19.57 -40.95
C VAL D 382 -1.46 -19.55 -39.44
N ASN D 383 -0.44 -18.84 -38.95
CA ASN D 383 -0.25 -18.66 -37.52
C ASN D 383 -1.31 -17.73 -36.96
N ILE D 384 -1.59 -16.65 -37.68
CA ILE D 384 -2.57 -15.64 -37.25
C ILE D 384 -4.01 -16.16 -37.28
N ILE D 385 -4.39 -16.79 -38.39
CA ILE D 385 -5.76 -17.27 -38.56
C ILE D 385 -6.08 -18.39 -37.56
N SER D 386 -5.14 -19.32 -37.39
CA SER D 386 -5.31 -20.40 -36.43
C SER D 386 -5.30 -19.86 -35.01
N TRP D 387 -4.69 -18.70 -34.84
CA TRP D 387 -4.59 -18.05 -33.53
C TRP D 387 -5.92 -17.41 -33.12
N THR D 388 -6.42 -16.53 -33.96
CA THR D 388 -7.67 -15.83 -33.70
C THR D 388 -8.83 -16.81 -33.63
N LEU D 389 -8.70 -17.91 -34.37
CA LEU D 389 -9.68 -19.00 -34.32
C LEU D 389 -9.79 -19.57 -32.91
N ILE D 390 -8.64 -19.80 -32.28
CA ILE D 390 -8.59 -20.43 -30.97
C ILE D 390 -9.00 -19.48 -29.84
N VAL D 391 -8.47 -18.25 -29.86
CA VAL D 391 -8.75 -17.29 -28.80
C VAL D 391 -10.20 -16.84 -28.81
N ILE D 392 -10.85 -16.96 -29.97
CA ILE D 392 -12.27 -16.64 -30.08
C ILE D 392 -13.10 -17.86 -29.67
N LEU D 393 -12.65 -19.04 -30.09
CA LEU D 393 -13.27 -20.30 -29.69
C LEU D 393 -13.38 -20.40 -28.18
N SER D 394 -12.26 -20.16 -27.50
CA SER D 394 -12.25 -20.13 -26.05
C SER D 394 -13.05 -18.93 -25.54
N GLY D 395 -12.97 -17.82 -26.26
CA GLY D 395 -13.68 -16.62 -25.89
C GLY D 395 -15.19 -16.76 -26.04
N LEU D 396 -15.61 -17.75 -26.83
CA LEU D 396 -17.03 -17.99 -27.04
C LEU D 396 -17.53 -19.19 -26.23
N ASN D 397 -16.71 -20.23 -26.16
CA ASN D 397 -17.09 -21.45 -25.43
C ASN D 397 -17.24 -21.18 -23.94
N VAL D 398 -16.42 -20.26 -23.43
CA VAL D 398 -16.55 -19.80 -22.05
C VAL D 398 -17.76 -18.90 -21.91
N TYR D 399 -17.91 -17.98 -22.86
CA TYR D 399 -19.03 -17.06 -22.86
C TYR D 399 -20.26 -17.67 -23.54
#